data_7JPJ
#
_entry.id   7JPJ
#
_cell.length_a   85.780
_cell.length_b   86.324
_cell.length_c   127.196
_cell.angle_alpha   90.000
_cell.angle_beta   90.000
_cell.angle_gamma   90.000
#
_symmetry.space_group_name_H-M   'P 21 21 21'
#
loop_
_entity.id
_entity.type
_entity.pdbx_description
1 polymer 'Diaminopimelate decarboxylase'
2 non-polymer D-LYSINE
3 non-polymer 'SULFATE ION'
4 water water
#
_entity_poly.entity_id   1
_entity_poly.type   'polypeptide(L)'
_entity_poly.pdbx_seq_one_letter_code
;SATTNPLQSIFLTPETAKACIDAAGGTPLYAYSIDKLEEAADACLAFPNAYGLTVRYAMKACPNASILKYFHSKNIHVDA
SSGFEVRRAMDAGVPAENISLSTQELPEDFAALVDMGVKLNACSVSQLERFGEHYAGKGAKVGVRVNPGVGSGGFSASTT
GFSKTNVGGPSSSFGIWHELVTDGTVPDIVERYGLEVERIHTHIGSGSDPEIWQQVATKSLSFCKVFPTVKTMNLGGGYK
VGRNKGEVTTDLQKIGKPVADAFKKFAEKEGRELQMEIEPGTYLVAMAGALVSKVQDKVHTTGENSHTFLKLDAGMTDVL
RPSLYGAVHPITILPGSGNSADVGDETESVVVVGHCCESGDLMTPAPGEPEQLAEQELRAAAVGDILVMDGSGAYCSGMS
TKNYNSFPEAPEVLVDKAGKAHLIRKRQTLSQIYENEISVE
;
_entity_poly.pdbx_strand_id   A,B
#
# COMPACT_ATOMS: atom_id res chain seq x y z
N THR A 4 6.35 -33.76 -10.50
CA THR A 4 6.12 -33.11 -9.21
C THR A 4 5.50 -31.74 -9.40
N ASN A 5 5.22 -31.38 -10.66
CA ASN A 5 4.54 -30.12 -10.93
C ASN A 5 3.09 -30.20 -10.48
N PRO A 6 2.59 -29.20 -9.75
CA PRO A 6 1.19 -29.24 -9.31
C PRO A 6 0.24 -29.25 -10.50
N LEU A 7 -0.82 -30.05 -10.41
CA LEU A 7 -1.76 -30.20 -11.54
C LEU A 7 -2.85 -29.15 -11.40
N GLN A 8 -2.89 -28.53 -10.24
CA GLN A 8 -3.83 -27.43 -10.01
C GLN A 8 -3.23 -26.54 -8.94
N SER A 9 -3.90 -25.46 -8.60
CA SER A 9 -3.48 -24.59 -7.49
C SER A 9 -4.33 -25.00 -6.28
N ILE A 10 -4.40 -24.18 -5.24
CA ILE A 10 -5.29 -24.50 -4.10
C ILE A 10 -6.72 -24.76 -4.60
N PHE A 11 -7.23 -24.00 -5.58
CA PHE A 11 -8.57 -24.31 -6.03
C PHE A 11 -8.78 -24.06 -7.52
N LEU A 12 -7.71 -23.92 -8.31
CA LEU A 12 -7.82 -23.58 -9.73
C LEU A 12 -7.05 -24.59 -10.58
N THR A 13 -7.78 -25.40 -11.35
CA THR A 13 -7.16 -26.18 -12.40
C THR A 13 -6.85 -25.28 -13.59
N PRO A 14 -6.00 -25.74 -14.52
CA PRO A 14 -5.77 -24.92 -15.72
C PRO A 14 -7.03 -24.61 -16.49
N GLU A 15 -8.04 -25.49 -16.46
CA GLU A 15 -9.31 -25.19 -17.11
C GLU A 15 -10.09 -24.13 -16.33
N THR A 16 -10.12 -24.24 -15.00
CA THR A 16 -10.85 -23.28 -14.19
C THR A 16 -10.19 -21.91 -14.22
N ALA A 17 -8.87 -21.86 -14.38
CA ALA A 17 -8.17 -20.57 -14.44
C ALA A 17 -8.52 -19.83 -15.72
N LYS A 18 -8.46 -20.47 -16.87
CA LYS A 18 -8.87 -19.79 -18.13
C LYS A 18 -10.34 -19.40 -18.07
N ALA A 19 -11.19 -20.17 -17.39
CA ALA A 19 -12.59 -19.78 -17.29
C ALA A 19 -12.74 -18.46 -16.54
N CYS A 20 -11.93 -18.24 -15.50
CA CYS A 20 -11.96 -16.97 -14.78
C CYS A 20 -11.46 -15.83 -15.64
N ILE A 21 -10.36 -16.05 -16.37
CA ILE A 21 -9.78 -14.99 -17.20
C ILE A 21 -10.77 -14.52 -18.26
N ASP A 22 -11.48 -15.47 -18.88
CA ASP A 22 -12.51 -15.10 -19.85
C ASP A 22 -13.63 -14.29 -19.22
N ALA A 23 -14.02 -14.64 -17.99
CA ALA A 23 -15.11 -13.92 -17.33
C ALA A 23 -14.69 -12.51 -16.93
N ALA A 24 -13.40 -12.28 -16.69
CA ALA A 24 -12.91 -10.99 -16.27
C ALA A 24 -12.30 -10.18 -17.40
N GLY A 25 -12.25 -10.72 -18.62
CA GLY A 25 -11.71 -10.00 -19.75
C GLY A 25 -10.21 -9.90 -19.80
N GLY A 26 -9.49 -10.78 -19.12
CA GLY A 26 -8.04 -10.80 -19.14
C GLY A 26 -7.47 -10.74 -17.73
N THR A 27 -6.15 -10.78 -17.67
CA THR A 27 -5.40 -10.74 -16.43
C THR A 27 -4.88 -9.33 -16.16
N PRO A 28 -4.63 -8.98 -14.89
CA PRO A 28 -4.79 -9.78 -13.67
C PRO A 28 -6.22 -9.76 -13.11
N LEU A 29 -6.50 -10.64 -12.16
CA LEU A 29 -7.82 -10.69 -11.54
C LEU A 29 -7.72 -11.40 -10.19
N TYR A 30 -8.70 -11.15 -9.34
CA TYR A 30 -8.87 -11.87 -8.09
C TYR A 30 -9.93 -12.94 -8.29
N ALA A 31 -9.62 -14.16 -7.84
CA ALA A 31 -10.54 -15.28 -7.91
C ALA A 31 -10.89 -15.74 -6.50
N TYR A 32 -12.18 -15.81 -6.20
CA TYR A 32 -12.68 -16.32 -4.93
C TYR A 32 -13.50 -17.57 -5.16
N SER A 33 -13.36 -18.55 -4.28
CA SER A 33 -13.99 -19.86 -4.42
C SER A 33 -15.05 -20.04 -3.34
N ILE A 34 -16.29 -20.30 -3.77
CA ILE A 34 -17.37 -20.55 -2.83
C ILE A 34 -17.06 -21.76 -1.94
N ASP A 35 -16.42 -22.78 -2.53
CA ASP A 35 -16.05 -23.97 -1.77
C ASP A 35 -15.15 -23.62 -0.60
N LYS A 36 -14.13 -22.79 -0.84
CA LYS A 36 -13.19 -22.43 0.23
C LYS A 36 -13.83 -21.49 1.24
N LEU A 37 -14.83 -20.71 0.84
CA LEU A 37 -15.54 -19.87 1.80
C LEU A 37 -16.43 -20.71 2.72
N GLU A 38 -16.99 -21.80 2.20
CA GLU A 38 -17.87 -22.65 3.01
C GLU A 38 -17.10 -23.40 4.07
N GLU A 39 -15.90 -23.88 3.74
CA GLU A 39 -15.07 -24.57 4.72
C GLU A 39 -14.72 -23.66 5.90
N ALA A 40 -14.34 -22.42 5.62
CA ALA A 40 -13.96 -21.51 6.68
C ALA A 40 -15.17 -21.09 7.51
N ALA A 41 -16.30 -20.83 6.84
CA ALA A 41 -17.51 -20.44 7.55
C ALA A 41 -17.96 -21.54 8.50
N ASP A 42 -18.00 -22.79 8.02
CA ASP A 42 -18.39 -23.91 8.86
C ASP A 42 -17.40 -24.13 9.99
N ALA A 43 -16.10 -24.00 9.71
CA ALA A 43 -15.09 -24.20 10.74
C ALA A 43 -15.22 -23.16 11.85
N CYS A 44 -15.63 -21.94 11.52
CA CYS A 44 -15.78 -20.91 12.54
C CYS A 44 -17.10 -21.06 13.30
N LEU A 45 -18.18 -21.39 12.60
CA LEU A 45 -19.46 -21.65 13.26
C LEU A 45 -19.41 -22.87 14.16
N ALA A 46 -18.39 -23.70 14.05
CA ALA A 46 -18.20 -24.86 14.91
C ALA A 46 -17.23 -24.59 16.06
N PHE A 47 -16.95 -23.31 16.34
CA PHE A 47 -16.03 -22.96 17.40
C PHE A 47 -16.60 -23.40 18.75
N PRO A 48 -15.81 -24.06 19.59
CA PRO A 48 -16.33 -24.49 20.90
C PRO A 48 -16.74 -23.30 21.76
N ASN A 49 -17.97 -23.35 22.27
CA ASN A 49 -18.51 -22.30 23.12
C ASN A 49 -19.29 -22.92 24.27
N ALA A 50 -19.37 -22.18 25.38
CA ALA A 50 -20.04 -22.69 26.56
C ALA A 50 -21.53 -22.30 26.58
N TYR A 51 -21.84 -21.03 26.35
CA TYR A 51 -23.21 -20.54 26.50
C TYR A 51 -23.64 -19.72 25.29
N GLY A 52 -23.06 -19.97 24.11
CA GLY A 52 -23.46 -19.25 22.92
C GLY A 52 -22.31 -18.59 22.18
N LEU A 53 -22.37 -18.63 20.84
CA LEU A 53 -21.30 -18.12 19.99
C LEU A 53 -21.88 -17.23 18.90
N THR A 54 -21.14 -16.17 18.57
CA THR A 54 -21.42 -15.32 17.43
C THR A 54 -20.13 -15.12 16.65
N VAL A 55 -20.17 -15.35 15.35
CA VAL A 55 -19.02 -15.16 14.48
C VAL A 55 -19.22 -13.86 13.71
N ARG A 56 -18.26 -12.95 13.82
CA ARG A 56 -18.26 -11.69 13.09
C ARG A 56 -17.16 -11.71 12.04
N TYR A 57 -17.51 -11.35 10.82
CA TYR A 57 -16.52 -11.24 9.75
C TYR A 57 -15.87 -9.86 9.81
N ALA A 58 -14.55 -9.82 9.94
CA ALA A 58 -13.79 -8.57 9.89
C ALA A 58 -13.66 -8.15 8.43
N MET A 59 -14.66 -7.41 7.94
CA MET A 59 -14.77 -7.14 6.51
C MET A 59 -13.58 -6.35 5.96
N LYS A 60 -12.77 -5.75 6.83
CA LYS A 60 -11.58 -5.03 6.37
C LYS A 60 -10.64 -5.92 5.57
N ALA A 61 -10.75 -7.24 5.72
CA ALA A 61 -9.89 -8.17 4.99
C ALA A 61 -10.31 -8.33 3.54
N CYS A 62 -11.61 -8.20 3.25
CA CYS A 62 -12.15 -8.28 1.89
C CYS A 62 -13.59 -7.79 1.87
N PRO A 63 -13.86 -6.58 1.40
CA PRO A 63 -15.18 -5.98 1.59
C PRO A 63 -16.15 -6.14 0.41
N ASN A 64 -15.86 -7.05 -0.52
CA ASN A 64 -16.75 -7.24 -1.65
C ASN A 64 -18.15 -7.66 -1.18
N ALA A 65 -19.17 -7.08 -1.82
CA ALA A 65 -20.54 -7.27 -1.35
C ALA A 65 -20.98 -8.73 -1.44
N SER A 66 -20.52 -9.45 -2.47
CA SER A 66 -20.86 -10.86 -2.59
C SER A 66 -20.33 -11.65 -1.39
N ILE A 67 -19.12 -11.34 -0.94
CA ILE A 67 -18.61 -11.99 0.27
C ILE A 67 -19.47 -11.65 1.47
N LEU A 68 -19.87 -10.38 1.59
CA LEU A 68 -20.77 -9.98 2.67
C LEU A 68 -22.10 -10.70 2.56
N LYS A 69 -22.67 -10.77 1.36
CA LYS A 69 -23.95 -11.45 1.17
C LYS A 69 -23.83 -12.93 1.49
N TYR A 70 -22.71 -13.55 1.15
CA TYR A 70 -22.54 -14.98 1.39
C TYR A 70 -22.44 -15.28 2.89
N PHE A 71 -21.59 -14.53 3.59
CA PHE A 71 -21.44 -14.75 5.04
C PHE A 71 -22.71 -14.38 5.78
N HIS A 72 -23.52 -13.48 5.23
CA HIS A 72 -24.80 -13.17 5.87
C HIS A 72 -25.75 -14.35 5.76
N SER A 73 -25.78 -15.01 4.60
CA SER A 73 -26.62 -16.20 4.42
C SER A 73 -26.21 -17.35 5.33
N LYS A 74 -24.97 -17.33 5.82
CA LYS A 74 -24.49 -18.34 6.76
C LYS A 74 -24.65 -17.92 8.22
N ASN A 75 -25.40 -16.84 8.48
CA ASN A 75 -25.64 -16.32 9.83
C ASN A 75 -24.35 -15.87 10.50
N ILE A 76 -23.40 -15.36 9.72
CA ILE A 76 -22.18 -14.75 10.23
C ILE A 76 -22.36 -13.24 10.21
N HIS A 77 -22.05 -12.59 11.32
CA HIS A 77 -22.25 -11.15 11.45
C HIS A 77 -21.04 -10.40 10.92
N VAL A 78 -21.00 -9.08 11.11
CA VAL A 78 -19.97 -8.23 10.54
C VAL A 78 -19.33 -7.40 11.65
N ASP A 79 -18.00 -7.32 11.64
CA ASP A 79 -17.23 -6.42 12.49
C ASP A 79 -16.62 -5.33 11.60
N ALA A 80 -17.07 -4.10 11.79
CA ALA A 80 -16.68 -2.98 10.94
C ALA A 80 -15.59 -2.14 11.60
N SER A 81 -14.67 -1.65 10.77
CA SER A 81 -13.53 -0.89 11.25
C SER A 81 -13.72 0.62 11.15
N SER A 82 -14.79 1.09 10.53
CA SER A 82 -15.05 2.52 10.42
C SER A 82 -16.51 2.70 10.05
N GLY A 83 -16.98 3.95 10.21
CA GLY A 83 -18.34 4.26 9.81
C GLY A 83 -18.60 4.02 8.34
N PHE A 84 -17.54 4.02 7.52
CA PHE A 84 -17.71 3.74 6.10
C PHE A 84 -18.01 2.26 5.86
N GLU A 85 -17.30 1.38 6.58
CA GLU A 85 -17.60 -0.05 6.47
C GLU A 85 -19.00 -0.36 6.98
N VAL A 86 -19.47 0.38 7.98
CA VAL A 86 -20.84 0.20 8.47
C VAL A 86 -21.83 0.52 7.36
N ARG A 87 -21.67 1.68 6.73
CA ARG A 87 -22.56 2.07 5.64
C ARG A 87 -22.38 1.17 4.43
N ARG A 88 -21.18 0.62 4.25
CA ARG A 88 -20.94 -0.28 3.12
C ARG A 88 -21.66 -1.62 3.33
N ALA A 89 -21.55 -2.18 4.52
CA ALA A 89 -22.18 -3.47 4.80
C ALA A 89 -23.69 -3.39 4.69
N MET A 90 -24.28 -2.24 5.07
CA MET A 90 -25.71 -2.09 4.97
C MET A 90 -26.15 -2.00 3.51
N ASP A 91 -25.26 -1.56 2.62
CA ASP A 91 -25.59 -1.55 1.20
C ASP A 91 -25.68 -2.96 0.63
N ALA A 92 -24.90 -3.89 1.19
CA ALA A 92 -24.91 -5.29 0.75
C ALA A 92 -26.06 -6.10 1.34
N GLY A 93 -26.93 -5.46 2.13
CA GLY A 93 -28.07 -6.15 2.71
C GLY A 93 -27.89 -6.59 4.15
N VAL A 94 -26.74 -6.32 4.76
CA VAL A 94 -26.53 -6.72 6.15
C VAL A 94 -27.38 -5.83 7.06
N PRO A 95 -28.23 -6.39 7.91
CA PRO A 95 -29.00 -5.55 8.84
C PRO A 95 -28.07 -4.87 9.84
N ALA A 96 -28.53 -3.73 10.35
CA ALA A 96 -27.69 -2.92 11.24
C ALA A 96 -27.32 -3.68 12.50
N GLU A 97 -28.27 -4.44 13.06
CA GLU A 97 -28.02 -5.15 14.32
C GLU A 97 -26.92 -6.20 14.20
N ASN A 98 -26.62 -6.65 12.99
CA ASN A 98 -25.56 -7.63 12.77
C ASN A 98 -24.19 -6.99 12.64
N ILE A 99 -24.08 -5.67 12.75
CA ILE A 99 -22.83 -4.95 12.61
C ILE A 99 -22.42 -4.43 13.97
N SER A 100 -21.15 -4.60 14.31
CA SER A 100 -20.53 -3.95 15.47
C SER A 100 -19.39 -3.08 14.99
N LEU A 101 -19.23 -1.91 15.60
CA LEU A 101 -18.26 -0.90 15.16
C LEU A 101 -17.15 -0.78 16.18
N SER A 102 -15.93 -1.16 15.78
CA SER A 102 -14.72 -0.96 16.56
C SER A 102 -13.73 -0.21 15.67
N THR A 103 -13.53 1.07 15.95
CA THR A 103 -12.79 1.93 15.04
C THR A 103 -11.80 2.79 15.82
N GLN A 104 -10.72 3.18 15.13
CA GLN A 104 -9.79 4.17 15.66
C GLN A 104 -10.32 5.59 15.52
N GLU A 105 -11.27 5.81 14.60
CA GLU A 105 -11.79 7.13 14.28
C GLU A 105 -13.32 7.06 14.34
N LEU A 106 -13.89 7.55 15.43
CA LEU A 106 -15.34 7.55 15.57
C LEU A 106 -15.93 8.54 14.56
N PRO A 107 -16.81 8.09 13.65
CA PRO A 107 -17.33 9.00 12.63
C PRO A 107 -18.23 10.07 13.23
N GLU A 108 -18.31 11.20 12.52
CA GLU A 108 -19.14 12.30 13.00
C GLU A 108 -20.62 11.96 13.00
N ASP A 109 -21.02 10.90 12.28
CA ASP A 109 -22.41 10.47 12.21
C ASP A 109 -22.64 9.15 12.94
N PHE A 110 -21.91 8.93 14.05
CA PHE A 110 -22.04 7.67 14.78
C PHE A 110 -23.44 7.53 15.38
N ALA A 111 -24.03 8.64 15.82
CA ALA A 111 -25.35 8.58 16.44
C ALA A 111 -26.40 8.07 15.46
N ALA A 112 -26.29 8.46 14.19
CA ALA A 112 -27.21 7.96 13.19
C ALA A 112 -27.10 6.44 13.03
N LEU A 113 -25.86 5.93 13.05
CA LEU A 113 -25.66 4.49 12.93
C LEU A 113 -26.19 3.75 14.15
N VAL A 114 -25.93 4.27 15.35
CA VAL A 114 -26.40 3.61 16.57
C VAL A 114 -27.92 3.56 16.59
N ASP A 115 -28.58 4.59 16.06
CA ASP A 115 -30.04 4.62 16.06
C ASP A 115 -30.62 3.52 15.18
N MET A 116 -29.94 3.17 14.08
CA MET A 116 -30.44 2.12 13.21
C MET A 116 -30.23 0.72 13.78
N GLY A 117 -29.45 0.58 14.85
CA GLY A 117 -29.26 -0.72 15.47
C GLY A 117 -27.82 -1.20 15.47
N VAL A 118 -26.90 -0.33 15.09
CA VAL A 118 -25.48 -0.67 15.08
C VAL A 118 -24.95 -0.64 16.51
N LYS A 119 -24.34 -1.74 16.94
CA LYS A 119 -23.75 -1.82 18.26
C LYS A 119 -22.35 -1.22 18.23
N LEU A 120 -22.08 -0.31 19.17
CA LEU A 120 -20.80 0.39 19.24
C LEU A 120 -19.94 -0.17 20.35
N ASN A 121 -18.68 -0.47 20.03
CA ASN A 121 -17.67 -0.81 21.02
C ASN A 121 -16.78 0.41 21.20
N ALA A 122 -16.91 1.07 22.35
CA ALA A 122 -16.11 2.24 22.65
C ALA A 122 -14.64 1.84 22.79
N CYS A 123 -13.77 2.48 22.01
CA CYS A 123 -12.37 2.10 21.95
C CYS A 123 -11.43 3.09 22.64
N SER A 124 -11.95 4.18 23.17
CA SER A 124 -11.15 5.12 23.95
C SER A 124 -12.08 5.88 24.89
N VAL A 125 -11.46 6.58 25.85
CA VAL A 125 -12.24 7.41 26.76
C VAL A 125 -13.02 8.46 25.97
N SER A 126 -12.37 9.07 24.98
CA SER A 126 -13.02 10.11 24.18
C SER A 126 -14.29 9.60 23.50
N GLN A 127 -14.25 8.37 22.97
CA GLN A 127 -15.41 7.84 22.28
C GLN A 127 -16.54 7.53 23.25
N LEU A 128 -16.21 6.99 24.42
CA LEU A 128 -17.23 6.72 25.42
C LEU A 128 -17.90 8.01 25.87
N GLU A 129 -17.11 9.07 26.09
CA GLU A 129 -17.68 10.33 26.54
C GLU A 129 -18.57 10.95 25.47
N ARG A 130 -18.15 10.88 24.21
CA ARG A 130 -19.01 11.38 23.12
C ARG A 130 -20.30 10.58 23.03
N PHE A 131 -20.21 9.27 23.21
CA PHE A 131 -21.41 8.43 23.23
C PHE A 131 -22.29 8.80 24.43
N GLY A 132 -21.68 8.96 25.60
CA GLY A 132 -22.45 9.28 26.79
C GLY A 132 -23.07 10.66 26.76
N GLU A 133 -22.35 11.63 26.16
CA GLU A 133 -22.90 12.97 26.00
C GLU A 133 -24.18 12.96 25.18
N HIS A 134 -24.24 12.10 24.17
CA HIS A 134 -25.38 12.08 23.27
C HIS A 134 -26.55 11.25 23.82
N TYR A 135 -26.26 10.23 24.62
CA TYR A 135 -27.27 9.34 25.17
C TYR A 135 -27.27 9.39 26.69
N ALA A 136 -27.18 10.60 27.25
CA ALA A 136 -27.03 10.76 28.69
C ALA A 136 -28.29 10.32 29.42
N GLY A 137 -28.12 9.43 30.40
CA GLY A 137 -29.21 8.96 31.24
C GLY A 137 -30.39 8.37 30.50
N LYS A 138 -30.20 7.23 29.85
CA LYS A 138 -31.25 6.66 29.00
C LYS A 138 -31.56 5.17 29.23
N GLY A 139 -30.61 4.31 29.58
CA GLY A 139 -29.17 4.52 29.44
C GLY A 139 -28.71 3.56 28.37
N ALA A 140 -28.19 4.11 27.29
CA ALA A 140 -27.89 3.31 26.11
C ALA A 140 -26.88 2.22 26.43
N LYS A 141 -27.08 1.05 25.83
CA LYS A 141 -26.09 -0.01 25.92
C LYS A 141 -24.95 0.27 24.96
N VAL A 142 -23.75 -0.16 25.35
CA VAL A 142 -22.55 0.11 24.56
C VAL A 142 -21.52 -0.95 24.90
N GLY A 143 -20.63 -1.22 23.96
CA GLY A 143 -19.50 -2.08 24.19
C GLY A 143 -18.25 -1.29 24.57
N VAL A 144 -17.32 -1.97 25.22
CA VAL A 144 -16.07 -1.36 25.68
C VAL A 144 -14.91 -2.27 25.29
N ARG A 145 -14.00 -1.75 24.47
CA ARG A 145 -12.79 -2.48 24.13
C ARG A 145 -11.68 -2.11 25.11
N VAL A 146 -11.06 -3.13 25.69
CA VAL A 146 -10.05 -2.96 26.73
C VAL A 146 -8.68 -3.35 26.19
N ASN A 147 -7.67 -2.54 26.48
CA ASN A 147 -6.28 -2.94 26.34
C ASN A 147 -5.88 -3.64 27.64
N PRO A 148 -5.80 -4.97 27.65
CA PRO A 148 -5.59 -5.69 28.92
C PRO A 148 -4.24 -5.44 29.58
N GLY A 149 -3.37 -4.64 28.98
CA GLY A 149 -2.04 -4.43 29.49
C GLY A 149 -1.00 -5.36 28.93
N VAL A 150 -1.38 -6.27 28.03
CA VAL A 150 -0.45 -7.22 27.43
C VAL A 150 -0.90 -7.44 25.99
N GLY A 151 0.05 -7.83 25.14
CA GLY A 151 -0.25 -8.03 23.74
C GLY A 151 0.09 -9.42 23.26
N SER A 152 0.44 -9.52 21.98
CA SER A 152 0.81 -10.83 21.38
C SER A 152 2.25 -11.17 21.71
N GLY A 153 2.48 -12.17 22.55
CA GLY A 153 3.84 -12.56 22.97
C GLY A 153 4.02 -12.61 24.47
N GLY A 154 3.03 -12.18 25.25
CA GLY A 154 3.18 -12.08 26.71
C GLY A 154 4.01 -10.85 27.02
N PHE A 155 4.96 -10.96 27.95
CA PHE A 155 5.87 -9.83 28.26
C PHE A 155 7.20 -10.06 27.54
N SER A 156 7.16 -10.45 26.27
CA SER A 156 8.39 -10.71 25.46
C SER A 156 9.33 -11.67 26.18
N ALA A 157 8.81 -12.69 26.87
CA ALA A 157 9.62 -13.71 27.58
C ALA A 157 10.66 -13.08 28.52
N SER A 158 10.40 -11.86 29.02
CA SER A 158 11.33 -11.13 29.93
C SER A 158 10.61 -9.84 30.35
N THR A 159 11.13 -8.67 29.97
CA THR A 159 10.45 -7.38 30.23
C THR A 159 9.96 -6.90 28.86
N THR A 160 9.34 -5.71 28.79
CA THR A 160 8.77 -5.22 27.51
C THR A 160 9.83 -5.23 26.40
N GLY A 161 11.10 -4.91 26.73
CA GLY A 161 12.18 -4.99 25.72
C GLY A 161 12.11 -3.84 24.72
N PHE A 162 12.08 -4.15 23.42
CA PHE A 162 11.93 -3.10 22.40
C PHE A 162 10.44 -2.81 22.18
N SER A 163 10.10 -1.53 22.07
CA SER A 163 8.70 -1.13 21.88
C SER A 163 8.34 -1.38 20.42
N LYS A 164 7.70 -2.52 20.15
CA LYS A 164 7.28 -2.90 18.81
C LYS A 164 5.77 -2.76 18.67
N THR A 165 5.32 -2.69 17.42
CA THR A 165 3.89 -2.57 17.16
C THR A 165 3.15 -3.82 17.64
N ASN A 166 1.95 -3.62 18.16
CA ASN A 166 1.22 -4.71 18.79
C ASN A 166 -0.26 -4.37 18.83
N VAL A 167 -1.08 -5.43 18.90
CA VAL A 167 -2.52 -5.27 19.06
C VAL A 167 -2.91 -4.95 20.49
N GLY A 168 -1.99 -5.11 21.44
CA GLY A 168 -2.25 -4.78 22.82
C GLY A 168 -0.96 -4.52 23.56
N GLY A 169 -1.08 -4.06 24.80
CA GLY A 169 0.06 -3.80 25.63
C GLY A 169 0.39 -2.32 25.68
N PRO A 170 1.50 -1.99 26.34
CA PRO A 170 1.87 -0.56 26.47
C PRO A 170 2.28 0.09 25.16
N SER A 171 2.61 -0.69 24.14
CA SER A 171 3.00 -0.15 22.84
C SER A 171 1.84 -0.09 21.85
N SER A 172 0.61 -0.25 22.32
CA SER A 172 -0.56 -0.30 21.46
C SER A 172 -1.55 0.80 21.84
N SER A 173 -2.11 1.45 20.83
CA SER A 173 -3.14 2.46 21.04
C SER A 173 -4.55 1.88 21.01
N PHE A 174 -4.70 0.59 20.68
CA PHE A 174 -6.02 -0.01 20.58
C PHE A 174 -6.65 -0.18 21.97
N GLY A 175 -7.93 0.14 22.06
CA GLY A 175 -8.67 -0.06 23.29
C GLY A 175 -8.25 0.89 24.40
N ILE A 176 -8.97 0.81 25.51
CA ILE A 176 -8.74 1.63 26.68
C ILE A 176 -7.75 0.91 27.60
N TRP A 177 -6.78 1.68 28.11
CA TRP A 177 -5.78 1.12 29.02
C TRP A 177 -6.45 0.50 30.24
N HIS A 178 -6.02 -0.71 30.60
CA HIS A 178 -6.71 -1.47 31.64
C HIS A 178 -6.71 -0.74 32.98
N GLU A 179 -5.70 0.08 33.25
CA GLU A 179 -5.63 0.77 34.54
C GLU A 179 -6.71 1.83 34.67
N LEU A 180 -7.18 2.37 33.54
CA LEU A 180 -8.32 3.28 33.58
C LEU A 180 -9.62 2.57 33.95
N VAL A 181 -9.69 1.26 33.71
CA VAL A 181 -10.86 0.50 34.14
C VAL A 181 -10.82 0.25 35.64
N THR A 182 -9.65 -0.16 36.16
CA THR A 182 -9.55 -0.59 37.55
C THR A 182 -9.39 0.56 38.52
N ASP A 183 -8.98 1.75 38.07
CA ASP A 183 -8.83 2.89 38.96
C ASP A 183 -10.09 3.74 39.04
N GLY A 184 -11.15 3.37 38.33
CA GLY A 184 -12.42 4.04 38.43
C GLY A 184 -12.72 5.05 37.34
N THR A 185 -11.75 5.36 36.48
CA THR A 185 -11.94 6.37 35.45
C THR A 185 -13.12 6.01 34.53
N VAL A 186 -13.11 4.80 33.99
CA VAL A 186 -14.14 4.35 33.05
C VAL A 186 -15.48 4.15 33.76
N PRO A 187 -15.56 3.47 34.90
CA PRO A 187 -16.86 3.35 35.59
C PRO A 187 -17.45 4.69 35.98
N ASP A 188 -16.62 5.70 36.24
CA ASP A 188 -17.14 7.02 36.56
C ASP A 188 -17.81 7.65 35.34
N ILE A 189 -17.23 7.45 34.16
CA ILE A 189 -17.85 7.96 32.93
C ILE A 189 -19.17 7.25 32.67
N VAL A 190 -19.24 5.94 32.97
CA VAL A 190 -20.46 5.18 32.75
C VAL A 190 -21.58 5.69 33.66
N GLU A 191 -21.27 5.90 34.94
CA GLU A 191 -22.27 6.41 35.86
C GLU A 191 -22.67 7.85 35.51
N ARG A 192 -21.70 8.65 35.04
CA ARG A 192 -21.98 10.05 34.75
C ARG A 192 -23.07 10.20 33.70
N TYR A 193 -23.07 9.34 32.68
CA TYR A 193 -24.06 9.40 31.62
C TYR A 193 -25.10 8.29 31.73
N GLY A 194 -25.13 7.56 32.83
CA GLY A 194 -26.12 6.51 33.02
C GLY A 194 -26.03 5.40 32.00
N LEU A 195 -24.85 5.14 31.47
CA LEU A 195 -24.66 4.12 30.45
C LEU A 195 -24.87 2.72 31.05
N GLU A 196 -24.99 1.74 30.17
CA GLU A 196 -25.07 0.34 30.54
C GLU A 196 -24.07 -0.44 29.70
N VAL A 197 -23.04 -0.99 30.35
CA VAL A 197 -22.01 -1.76 29.66
C VAL A 197 -22.52 -3.19 29.49
N GLU A 198 -22.78 -3.58 28.24
CA GLU A 198 -23.31 -4.89 27.94
C GLU A 198 -22.29 -5.85 27.35
N ARG A 199 -21.13 -5.35 26.91
CA ARG A 199 -20.21 -6.18 26.14
C ARG A 199 -18.79 -5.65 26.31
N ILE A 200 -17.85 -6.58 26.51
CA ILE A 200 -16.43 -6.27 26.57
C ILE A 200 -15.76 -6.82 25.32
N HIS A 201 -14.80 -6.07 24.78
CA HIS A 201 -14.11 -6.42 23.56
C HIS A 201 -12.61 -6.47 23.81
N THR A 202 -11.98 -7.56 23.39
CA THR A 202 -10.54 -7.73 23.50
C THR A 202 -10.01 -8.25 22.17
N HIS A 203 -8.70 -8.09 21.96
CA HIS A 203 -8.08 -8.55 20.73
C HIS A 203 -6.57 -8.68 20.92
N ILE A 204 -6.14 -9.73 21.60
CA ILE A 204 -4.71 -9.92 21.87
C ILE A 204 -4.32 -11.38 21.62
N GLY A 205 -5.18 -12.12 20.93
CA GLY A 205 -4.89 -13.52 20.65
C GLY A 205 -4.00 -13.69 19.43
N SER A 206 -3.13 -14.70 19.48
CA SER A 206 -2.21 -14.99 18.38
C SER A 206 -1.71 -16.41 18.53
N GLY A 207 -1.17 -16.94 17.44
CA GLY A 207 -0.62 -18.29 17.46
C GLY A 207 -1.71 -19.36 17.48
N SER A 208 -1.24 -20.60 17.66
CA SER A 208 -2.09 -21.78 17.68
C SER A 208 -1.91 -22.60 18.94
N ASP A 209 -1.45 -21.97 20.02
CA ASP A 209 -1.28 -22.66 21.29
C ASP A 209 -2.57 -22.59 22.08
N PRO A 210 -3.20 -23.72 22.40
CA PRO A 210 -4.43 -23.66 23.20
C PRO A 210 -4.24 -23.03 24.57
N GLU A 211 -3.06 -23.22 25.18
CA GLU A 211 -2.81 -22.66 26.51
C GLU A 211 -2.57 -21.15 26.47
N ILE A 212 -2.23 -20.59 25.30
CA ILE A 212 -2.15 -19.14 25.19
C ILE A 212 -3.55 -18.54 25.06
N TRP A 213 -4.42 -19.19 24.30
CA TRP A 213 -5.77 -18.68 24.09
C TRP A 213 -6.59 -18.77 25.37
N GLN A 214 -6.34 -19.78 26.20
CA GLN A 214 -7.03 -19.85 27.49
C GLN A 214 -6.61 -18.70 28.41
N GLN A 215 -5.33 -18.36 28.40
CA GLN A 215 -4.89 -17.19 29.16
C GLN A 215 -5.44 -15.89 28.58
N VAL A 216 -5.60 -15.84 27.26
CA VAL A 216 -6.25 -14.69 26.63
C VAL A 216 -7.67 -14.53 27.17
N ALA A 217 -8.41 -15.64 27.25
CA ALA A 217 -9.80 -15.58 27.69
C ALA A 217 -9.89 -15.23 29.16
N THR A 218 -9.08 -15.87 30.01
CA THR A 218 -9.15 -15.63 31.45
C THR A 218 -8.91 -14.16 31.78
N LYS A 219 -7.94 -13.54 31.11
CA LYS A 219 -7.61 -12.14 31.43
C LYS A 219 -8.71 -11.19 30.98
N SER A 220 -9.27 -11.42 29.79
CA SER A 220 -10.33 -10.55 29.29
C SER A 220 -11.61 -10.72 30.10
N LEU A 221 -11.90 -11.94 30.57
CA LEU A 221 -13.10 -12.18 31.34
C LEU A 221 -13.06 -11.47 32.69
N SER A 222 -11.88 -11.19 33.22
CA SER A 222 -11.78 -10.51 34.50
C SER A 222 -12.33 -9.09 34.43
N PHE A 223 -12.31 -8.48 33.24
CA PHE A 223 -12.92 -7.17 33.05
C PHE A 223 -14.44 -7.26 32.97
N CYS A 224 -15.00 -8.44 32.70
CA CYS A 224 -16.45 -8.58 32.67
C CYS A 224 -17.06 -8.58 34.08
N LYS A 225 -16.26 -8.84 35.11
CA LYS A 225 -16.78 -8.76 36.47
C LYS A 225 -16.72 -7.34 37.03
N VAL A 226 -16.08 -6.41 36.33
CA VAL A 226 -16.11 -5.02 36.75
C VAL A 226 -17.48 -4.41 36.45
N PHE A 227 -18.05 -4.74 35.30
CA PHE A 227 -19.39 -4.28 34.93
C PHE A 227 -20.36 -5.45 34.95
N PRO A 228 -21.17 -5.60 35.99
CA PRO A 228 -22.05 -6.78 36.10
C PRO A 228 -23.11 -6.87 35.00
N THR A 229 -23.36 -5.78 34.28
CA THR A 229 -24.35 -5.78 33.21
C THR A 229 -23.85 -6.42 31.92
N VAL A 230 -22.57 -6.78 31.84
CA VAL A 230 -22.01 -7.35 30.62
C VAL A 230 -22.58 -8.75 30.41
N LYS A 231 -23.03 -9.03 29.18
CA LYS A 231 -23.54 -10.34 28.82
C LYS A 231 -22.80 -10.98 27.66
N THR A 232 -21.86 -10.26 27.03
CA THR A 232 -21.15 -10.76 25.85
C THR A 232 -19.67 -10.45 25.98
N MET A 233 -18.84 -11.41 25.58
CA MET A 233 -17.39 -11.25 25.55
C MET A 233 -16.91 -11.45 24.12
N ASN A 234 -16.31 -10.41 23.53
CA ASN A 234 -15.77 -10.45 22.17
C ASN A 234 -14.26 -10.62 22.26
N LEU A 235 -13.77 -11.81 21.86
CA LEU A 235 -12.36 -12.15 21.94
C LEU A 235 -11.56 -11.75 20.71
N GLY A 236 -12.20 -11.15 19.70
CA GLY A 236 -11.49 -10.66 18.54
C GLY A 236 -11.09 -11.76 17.57
N GLY A 237 -10.10 -11.42 16.74
CA GLY A 237 -9.59 -12.37 15.77
C GLY A 237 -8.13 -12.74 16.02
N GLY A 238 -7.37 -12.93 14.94
CA GLY A 238 -5.97 -13.26 15.03
C GLY A 238 -5.62 -14.70 14.78
N TYR A 239 -6.59 -15.56 14.49
CA TYR A 239 -6.34 -16.98 14.26
C TYR A 239 -5.46 -17.16 13.02
N LYS A 240 -4.33 -17.82 13.20
CA LYS A 240 -3.32 -17.85 12.16
C LYS A 240 -3.66 -18.86 11.08
N VAL A 241 -3.36 -18.50 9.84
CA VAL A 241 -3.56 -19.36 8.68
C VAL A 241 -2.21 -19.64 8.05
N GLY A 242 -1.88 -20.92 7.88
CA GLY A 242 -0.64 -21.30 7.24
C GLY A 242 -0.78 -21.41 5.74
N ARG A 243 -0.43 -20.35 5.02
CA ARG A 243 -0.55 -20.38 3.56
C ARG A 243 0.46 -21.34 2.94
N ASN A 244 1.68 -21.36 3.45
CA ASN A 244 2.75 -22.14 2.86
C ASN A 244 2.91 -23.47 3.58
N LYS A 245 3.40 -24.46 2.85
CA LYS A 245 3.64 -25.79 3.41
C LYS A 245 4.61 -25.70 4.58
N GLY A 246 4.24 -26.31 5.70
CA GLY A 246 5.03 -26.30 6.90
C GLY A 246 4.50 -25.37 7.98
N GLU A 247 3.87 -24.27 7.59
CA GLU A 247 3.28 -23.36 8.56
C GLU A 247 1.99 -23.95 9.11
N VAL A 248 1.73 -23.67 10.38
CA VAL A 248 0.62 -24.29 11.11
C VAL A 248 -0.59 -23.36 11.07
N THR A 249 -1.73 -23.92 10.67
CA THR A 249 -3.02 -23.23 10.77
C THR A 249 -3.63 -23.54 12.14
N THR A 250 -4.22 -22.52 12.76
CA THR A 250 -4.83 -22.70 14.07
C THR A 250 -5.96 -23.73 14.01
N ASP A 251 -5.93 -24.69 14.94
CA ASP A 251 -7.01 -25.66 15.08
C ASP A 251 -8.05 -25.06 16.03
N LEU A 252 -9.19 -24.65 15.47
CA LEU A 252 -10.20 -23.97 16.28
C LEU A 252 -10.81 -24.90 17.33
N GLN A 253 -10.81 -26.22 17.07
CA GLN A 253 -11.33 -27.14 18.07
C GLN A 253 -10.37 -27.31 19.24
N LYS A 254 -9.06 -27.27 18.96
CA LYS A 254 -8.08 -27.50 20.03
C LYS A 254 -7.93 -26.28 20.94
N ILE A 255 -7.93 -25.08 20.37
CA ILE A 255 -7.83 -23.88 21.20
C ILE A 255 -9.19 -23.43 21.71
N GLY A 256 -10.28 -23.92 21.12
CA GLY A 256 -11.61 -23.50 21.51
C GLY A 256 -12.10 -24.08 22.82
N LYS A 257 -11.77 -25.34 23.09
CA LYS A 257 -12.26 -26.00 24.31
C LYS A 257 -11.68 -25.38 25.58
N PRO A 258 -10.38 -25.09 25.66
CA PRO A 258 -9.88 -24.35 26.83
C PRO A 258 -10.49 -22.96 26.96
N VAL A 259 -10.82 -22.31 25.84
CA VAL A 259 -11.52 -21.02 25.90
C VAL A 259 -12.93 -21.22 26.45
N ALA A 260 -13.65 -22.20 25.92
CA ALA A 260 -15.00 -22.49 26.42
C ALA A 260 -14.98 -22.87 27.89
N ASP A 261 -13.91 -23.55 28.34
CA ASP A 261 -13.80 -23.87 29.76
C ASP A 261 -13.56 -22.62 30.60
N ALA A 262 -12.79 -21.66 30.08
CA ALA A 262 -12.61 -20.40 30.78
C ALA A 262 -13.92 -19.65 30.93
N PHE A 263 -14.86 -19.85 30.00
CA PHE A 263 -16.20 -19.31 30.17
C PHE A 263 -16.97 -20.06 31.25
N LYS A 264 -16.78 -21.38 31.34
CA LYS A 264 -17.44 -22.16 32.38
C LYS A 264 -16.90 -21.80 33.76
N LYS A 265 -15.59 -21.55 33.86
CA LYS A 265 -15.02 -21.18 35.16
C LYS A 265 -15.52 -19.82 35.60
N PHE A 266 -15.81 -18.93 34.66
CA PHE A 266 -16.39 -17.64 35.01
C PHE A 266 -17.80 -17.81 35.57
N ALA A 267 -18.61 -18.64 34.90
CA ALA A 267 -19.96 -18.91 35.39
C ALA A 267 -19.96 -19.68 36.69
N GLU A 268 -18.88 -20.40 37.01
CA GLU A 268 -18.80 -21.07 38.30
C GLU A 268 -18.35 -20.13 39.41
N LYS A 269 -17.50 -19.15 39.09
CA LYS A 269 -17.05 -18.19 40.08
C LYS A 269 -17.94 -16.95 40.16
N GLU A 270 -18.65 -16.60 39.08
CA GLU A 270 -19.48 -15.40 39.05
C GLU A 270 -20.97 -15.67 38.86
N GLY A 271 -21.36 -16.86 38.41
CA GLY A 271 -22.76 -17.17 38.21
C GLY A 271 -23.39 -16.55 36.98
N ARG A 272 -22.57 -16.10 36.02
CA ARG A 272 -23.07 -15.46 34.82
C ARG A 272 -22.60 -16.25 33.60
N GLU A 273 -23.54 -16.62 32.73
CA GLU A 273 -23.23 -17.36 31.51
C GLU A 273 -23.16 -16.36 30.36
N LEU A 274 -21.96 -16.16 29.83
CA LEU A 274 -21.69 -15.08 28.89
C LEU A 274 -21.70 -15.59 27.45
N GLN A 275 -22.28 -14.78 26.57
CA GLN A 275 -22.16 -15.03 25.13
C GLN A 275 -20.75 -14.73 24.66
N MET A 276 -20.23 -15.56 23.75
CA MET A 276 -18.90 -15.38 23.19
C MET A 276 -18.98 -14.87 21.76
N GLU A 277 -17.99 -14.07 21.38
CA GLU A 277 -17.88 -13.55 20.02
C GLU A 277 -16.46 -13.70 19.52
N ILE A 278 -16.32 -14.00 18.24
CA ILE A 278 -15.02 -14.08 17.58
C ILE A 278 -15.08 -13.24 16.31
N GLU A 279 -13.95 -12.60 15.99
CA GLU A 279 -13.88 -11.66 14.88
C GLU A 279 -12.79 -12.07 13.89
N PRO A 280 -12.92 -13.23 13.24
CA PRO A 280 -11.88 -13.67 12.30
C PRO A 280 -11.95 -12.91 10.99
N GLY A 281 -10.80 -12.48 10.49
CA GLY A 281 -10.72 -11.88 9.18
C GLY A 281 -9.94 -12.76 8.23
N THR A 282 -8.65 -12.96 8.54
CA THR A 282 -7.80 -13.83 7.74
C THR A 282 -8.40 -15.24 7.65
N TYR A 283 -8.80 -15.80 8.79
CA TYR A 283 -9.24 -17.20 8.82
C TYR A 283 -10.44 -17.47 7.92
N LEU A 284 -11.19 -16.45 7.55
CA LEU A 284 -12.41 -16.66 6.77
C LEU A 284 -12.18 -16.54 5.26
N VAL A 285 -11.25 -15.70 4.81
CA VAL A 285 -11.19 -15.34 3.41
C VAL A 285 -9.80 -15.54 2.79
N ALA A 286 -8.79 -15.77 3.63
CA ALA A 286 -7.41 -15.85 3.14
C ALA A 286 -7.23 -16.90 2.04
N MET A 287 -7.42 -18.17 2.38
CA MET A 287 -7.26 -19.24 1.41
C MET A 287 -8.38 -19.30 0.39
N ALA A 288 -9.41 -18.46 0.53
CA ALA A 288 -10.52 -18.46 -0.40
C ALA A 288 -10.29 -17.58 -1.62
N GLY A 289 -9.21 -16.82 -1.64
CA GLY A 289 -8.93 -15.92 -2.74
C GLY A 289 -7.56 -16.15 -3.32
N ALA A 290 -7.44 -15.85 -4.62
CA ALA A 290 -6.20 -16.08 -5.33
C ALA A 290 -6.02 -15.04 -6.42
N LEU A 291 -4.80 -14.52 -6.53
CA LEU A 291 -4.45 -13.61 -7.62
C LEU A 291 -4.07 -14.43 -8.85
N VAL A 292 -4.69 -14.12 -9.99
CA VAL A 292 -4.46 -14.81 -11.25
C VAL A 292 -3.87 -13.82 -12.23
N SER A 293 -2.62 -14.04 -12.62
CA SER A 293 -1.90 -13.16 -13.53
C SER A 293 -1.22 -13.98 -14.61
N LYS A 294 -0.68 -13.28 -15.61
CA LYS A 294 0.05 -13.90 -16.70
C LYS A 294 1.51 -13.48 -16.67
N VAL A 295 2.39 -14.37 -17.12
CA VAL A 295 3.81 -14.08 -17.27
C VAL A 295 3.96 -13.33 -18.58
N GLN A 296 4.14 -12.01 -18.50
CA GLN A 296 4.24 -11.18 -19.70
C GLN A 296 5.68 -11.00 -20.18
N ASP A 297 6.67 -11.38 -19.39
CA ASP A 297 8.06 -11.26 -19.80
C ASP A 297 8.94 -12.15 -18.91
N LYS A 298 10.08 -12.55 -19.46
CA LYS A 298 11.03 -13.41 -18.76
C LYS A 298 12.44 -12.98 -19.14
N VAL A 299 13.21 -12.53 -18.16
CA VAL A 299 14.54 -11.97 -18.40
C VAL A 299 15.56 -12.69 -17.53
N HIS A 300 16.84 -12.55 -17.88
CA HIS A 300 17.92 -13.24 -17.20
C HIS A 300 19.08 -12.29 -16.91
N THR A 301 19.84 -12.61 -15.87
CA THR A 301 21.13 -12.02 -15.60
C THR A 301 22.17 -13.14 -15.53
N THR A 302 23.44 -12.76 -15.67
CA THR A 302 24.53 -13.73 -15.61
C THR A 302 25.51 -13.33 -14.52
N GLY A 303 26.50 -14.20 -14.31
CA GLY A 303 27.53 -13.95 -13.31
C GLY A 303 27.05 -14.29 -11.90
N GLU A 304 27.79 -13.74 -10.94
CA GLU A 304 27.47 -13.97 -9.54
C GLU A 304 26.15 -13.32 -9.17
N ASN A 305 25.41 -13.98 -8.27
CA ASN A 305 24.10 -13.52 -7.80
C ASN A 305 23.14 -13.27 -8.95
N SER A 306 23.26 -14.04 -10.02
CA SER A 306 22.36 -13.90 -11.14
C SER A 306 21.09 -14.72 -10.92
N HIS A 307 20.02 -14.31 -11.60
CA HIS A 307 18.71 -14.91 -11.42
C HIS A 307 18.01 -14.99 -12.76
N THR A 308 16.93 -15.77 -12.78
CA THR A 308 15.94 -15.74 -13.85
C THR A 308 14.68 -15.09 -13.29
N PHE A 309 14.19 -14.06 -13.97
CA PHE A 309 13.09 -13.24 -13.49
C PHE A 309 11.84 -13.51 -14.31
N LEU A 310 10.73 -13.78 -13.64
CA LEU A 310 9.41 -13.84 -14.24
C LEU A 310 8.69 -12.54 -13.93
N LYS A 311 8.36 -11.78 -14.97
CA LYS A 311 7.68 -10.49 -14.83
C LYS A 311 6.20 -10.68 -15.14
N LEU A 312 5.34 -10.32 -14.17
CA LEU A 312 3.90 -10.46 -14.31
C LEU A 312 3.29 -9.17 -14.84
N ASP A 313 1.98 -9.23 -15.09
CA ASP A 313 1.18 -8.04 -15.35
C ASP A 313 0.44 -7.58 -14.11
N ALA A 314 0.98 -7.87 -12.93
CA ALA A 314 0.41 -7.48 -11.65
C ALA A 314 1.56 -7.20 -10.68
N GLY A 315 1.21 -6.82 -9.46
CA GLY A 315 2.24 -6.56 -8.47
C GLY A 315 1.66 -5.99 -7.19
N MET A 316 2.45 -5.14 -6.54
CA MET A 316 2.02 -4.50 -5.30
C MET A 316 0.73 -3.72 -5.47
N THR A 317 0.37 -3.35 -6.70
CA THR A 317 -0.95 -2.79 -6.99
C THR A 317 -2.06 -3.75 -6.63
N ASP A 318 -1.78 -5.05 -6.55
CA ASP A 318 -2.80 -6.06 -6.31
C ASP A 318 -2.53 -6.91 -5.07
N VAL A 319 -1.27 -7.24 -4.80
CA VAL A 319 -0.90 -7.96 -3.58
C VAL A 319 0.30 -7.24 -2.98
N LEU A 320 0.08 -6.55 -1.86
CA LEU A 320 1.11 -5.75 -1.21
C LEU A 320 1.83 -6.49 -0.09
N ARG A 321 1.23 -7.55 0.44
CA ARG A 321 1.81 -8.24 1.59
C ARG A 321 3.26 -8.71 1.37
N PRO A 322 3.68 -9.15 0.18
CA PRO A 322 5.12 -9.43 -0.01
C PRO A 322 6.00 -8.21 0.21
N SER A 323 5.62 -7.06 -0.32
CA SER A 323 6.44 -5.85 -0.12
C SER A 323 6.33 -5.31 1.29
N LEU A 324 5.16 -5.45 1.93
CA LEU A 324 4.92 -4.78 3.20
C LEU A 324 5.48 -5.57 4.37
N TYR A 325 5.39 -6.90 4.33
CA TYR A 325 5.84 -7.73 5.43
C TYR A 325 6.92 -8.74 5.07
N GLY A 326 7.18 -8.96 3.78
CA GLY A 326 8.02 -10.07 3.40
C GLY A 326 7.29 -11.40 3.48
N ALA A 327 5.98 -11.38 3.26
CA ALA A 327 5.16 -12.58 3.39
C ALA A 327 5.28 -13.43 2.13
N VAL A 328 5.49 -14.72 2.33
CA VAL A 328 5.53 -15.69 1.24
C VAL A 328 4.11 -16.18 0.97
N HIS A 329 3.74 -16.24 -0.31
CA HIS A 329 2.47 -16.79 -0.74
C HIS A 329 2.70 -18.03 -1.59
N PRO A 330 1.79 -19.01 -1.53
CA PRO A 330 1.91 -20.18 -2.41
C PRO A 330 1.72 -19.78 -3.87
N ILE A 331 2.62 -20.25 -4.72
CA ILE A 331 2.66 -19.84 -6.12
C ILE A 331 2.67 -21.09 -7.00
N THR A 332 1.72 -21.15 -7.94
CA THR A 332 1.63 -22.23 -8.90
C THR A 332 1.55 -21.63 -10.30
N ILE A 333 2.31 -22.22 -11.23
CA ILE A 333 2.32 -21.78 -12.62
C ILE A 333 1.60 -22.82 -13.45
N LEU A 334 0.54 -22.39 -14.15
CA LEU A 334 -0.27 -23.25 -15.00
C LEU A 334 -0.09 -22.87 -16.46
N PRO A 335 -0.31 -23.80 -17.39
CA PRO A 335 -0.11 -23.50 -18.81
C PRO A 335 -1.15 -22.49 -19.30
N GLY A 336 -0.67 -21.48 -20.03
CA GLY A 336 -1.55 -20.52 -20.69
C GLY A 336 -2.47 -21.15 -21.72
N SER A 337 -2.28 -22.42 -22.04
CA SER A 337 -3.21 -23.12 -22.92
C SER A 337 -4.53 -23.39 -22.22
N GLY A 338 -4.49 -23.67 -20.92
CA GLY A 338 -5.67 -24.05 -20.18
C GLY A 338 -5.95 -25.53 -20.18
N ASN A 339 -5.09 -26.34 -20.79
CA ASN A 339 -5.25 -27.79 -20.83
C ASN A 339 -4.39 -28.43 -19.75
N SER A 340 -5.02 -29.28 -18.92
CA SER A 340 -4.27 -29.99 -17.90
C SER A 340 -3.27 -30.98 -18.49
N ALA A 341 -3.34 -31.25 -19.80
CA ALA A 341 -2.34 -32.09 -20.44
C ALA A 341 -1.01 -31.36 -20.64
N ASP A 342 -1.02 -30.03 -20.67
CA ASP A 342 0.18 -29.24 -20.89
C ASP A 342 0.87 -28.84 -19.60
N VAL A 343 0.50 -29.43 -18.47
CA VAL A 343 1.20 -29.12 -17.23
C VAL A 343 2.65 -29.60 -17.30
N GLY A 344 2.85 -30.88 -17.64
CA GLY A 344 4.19 -31.39 -17.85
C GLY A 344 4.93 -31.68 -16.56
N ASP A 345 6.27 -31.75 -16.68
CA ASP A 345 7.12 -32.05 -15.53
C ASP A 345 8.45 -31.32 -15.58
N GLU A 346 8.47 -30.12 -16.17
CA GLU A 346 9.67 -29.31 -16.25
C GLU A 346 9.62 -28.23 -15.18
N THR A 347 10.70 -28.10 -14.42
CA THR A 347 10.78 -27.12 -13.34
C THR A 347 11.92 -26.15 -13.60
N GLU A 348 11.87 -25.02 -12.89
CA GLU A 348 12.90 -24.00 -12.98
C GLU A 348 12.80 -23.08 -11.77
N SER A 349 13.94 -22.79 -11.15
CA SER A 349 14.00 -21.82 -10.06
C SER A 349 14.04 -20.41 -10.62
N VAL A 350 13.12 -19.56 -10.17
CA VAL A 350 12.96 -18.22 -10.71
C VAL A 350 12.69 -17.25 -9.55
N VAL A 351 12.78 -15.95 -9.89
CA VAL A 351 12.33 -14.87 -9.04
C VAL A 351 11.16 -14.21 -9.75
N VAL A 352 10.10 -13.88 -9.00
CA VAL A 352 8.88 -13.31 -9.55
C VAL A 352 8.83 -11.83 -9.18
N VAL A 353 8.71 -10.97 -10.19
CA VAL A 353 8.65 -9.53 -9.98
C VAL A 353 7.35 -8.98 -10.53
N GLY A 354 6.97 -7.80 -10.03
CA GLY A 354 5.74 -7.16 -10.45
C GLY A 354 5.96 -6.18 -11.61
N HIS A 355 4.84 -5.70 -12.14
CA HIS A 355 4.87 -4.82 -13.31
C HIS A 355 5.11 -3.36 -12.96
N CYS A 356 5.17 -2.99 -11.68
CA CYS A 356 5.41 -1.60 -11.32
C CYS A 356 6.88 -1.25 -11.48
N CYS A 357 7.13 -0.04 -11.99
CA CYS A 357 8.50 0.45 -12.17
C CYS A 357 9.04 0.89 -10.80
N GLU A 358 9.32 -0.11 -9.97
CA GLU A 358 9.81 0.14 -8.62
C GLU A 358 10.61 -1.07 -8.15
N SER A 359 11.79 -0.82 -7.58
CA SER A 359 12.68 -1.91 -7.22
C SER A 359 12.05 -2.84 -6.18
N GLY A 360 11.21 -2.29 -5.29
CA GLY A 360 10.61 -3.10 -4.25
C GLY A 360 9.46 -3.97 -4.68
N ASP A 361 9.02 -3.89 -5.93
CA ASP A 361 7.87 -4.67 -6.41
C ASP A 361 8.29 -6.12 -6.64
N LEU A 362 8.57 -6.80 -5.54
CA LEU A 362 9.04 -8.18 -5.55
C LEU A 362 7.94 -9.09 -5.03
N MET A 363 7.71 -10.20 -5.74
CA MET A 363 6.67 -11.15 -5.38
C MET A 363 7.18 -12.40 -4.69
N THR A 364 8.49 -12.64 -4.70
CA THR A 364 9.09 -13.79 -4.02
C THR A 364 10.22 -13.30 -3.13
N PRO A 365 9.90 -12.71 -1.98
CA PRO A 365 10.93 -12.21 -1.09
C PRO A 365 11.41 -13.27 -0.10
N ALA A 366 12.55 -12.98 0.52
CA ALA A 366 13.03 -13.81 1.62
C ALA A 366 12.04 -13.72 2.79
N PRO A 367 11.79 -14.81 3.50
CA PRO A 367 10.76 -14.80 4.55
C PRO A 367 11.00 -13.73 5.61
N GLY A 368 10.06 -12.77 5.68
CA GLY A 368 10.11 -11.71 6.66
C GLY A 368 11.02 -10.54 6.33
N GLU A 369 11.65 -10.54 5.16
CA GLU A 369 12.58 -9.50 4.74
C GLU A 369 12.26 -9.11 3.31
N PRO A 370 11.43 -8.07 3.11
CA PRO A 370 10.97 -7.74 1.75
C PRO A 370 12.04 -7.13 0.88
N GLU A 371 13.22 -6.81 1.42
CA GLU A 371 14.28 -6.23 0.62
C GLU A 371 15.22 -7.26 0.03
N GLN A 372 15.05 -8.54 0.35
CA GLN A 372 15.93 -9.59 -0.12
C GLN A 372 15.19 -10.49 -1.11
N LEU A 373 15.96 -11.09 -2.02
CA LEU A 373 15.42 -11.96 -3.05
C LEU A 373 15.40 -13.41 -2.59
N ALA A 374 14.41 -14.15 -3.09
CA ALA A 374 14.30 -15.57 -2.83
C ALA A 374 13.72 -16.24 -4.07
N GLU A 375 14.18 -17.45 -4.37
CA GLU A 375 13.73 -18.20 -5.52
C GLU A 375 12.82 -19.34 -5.10
N GLN A 376 11.76 -19.57 -5.87
CA GLN A 376 10.87 -20.71 -5.68
C GLN A 376 10.99 -21.65 -6.87
N GLU A 377 11.00 -22.95 -6.58
CA GLU A 377 10.99 -23.96 -7.63
C GLU A 377 9.57 -24.11 -8.14
N LEU A 378 9.32 -23.68 -9.37
CA LEU A 378 8.00 -23.75 -9.98
C LEU A 378 8.10 -24.46 -11.32
N ARG A 379 6.94 -24.65 -11.95
CA ARG A 379 6.91 -25.19 -13.31
C ARG A 379 7.58 -24.22 -14.26
N ALA A 380 8.39 -24.77 -15.16
CA ALA A 380 9.00 -23.95 -16.21
C ALA A 380 7.92 -23.17 -16.95
N ALA A 381 8.08 -21.85 -16.98
CA ALA A 381 7.05 -20.96 -17.51
C ALA A 381 7.53 -20.33 -18.81
N ALA A 382 6.71 -20.44 -19.83
CA ALA A 382 6.86 -19.65 -21.04
C ALA A 382 6.03 -18.37 -20.93
N VAL A 383 6.34 -17.40 -21.78
CA VAL A 383 5.57 -16.17 -21.80
C VAL A 383 4.15 -16.48 -22.25
N GLY A 384 3.17 -16.07 -21.45
CA GLY A 384 1.78 -16.40 -21.67
C GLY A 384 1.22 -17.39 -20.66
N ASP A 385 2.06 -18.00 -19.85
CA ASP A 385 1.58 -18.93 -18.83
C ASP A 385 0.99 -18.15 -17.66
N ILE A 386 0.11 -18.83 -16.92
CA ILE A 386 -0.62 -18.22 -15.82
C ILE A 386 0.15 -18.47 -14.53
N LEU A 387 0.34 -17.41 -13.74
CA LEU A 387 0.87 -17.52 -12.38
C LEU A 387 -0.26 -17.25 -11.40
N VAL A 388 -0.38 -18.12 -10.40
CA VAL A 388 -1.47 -18.05 -9.43
C VAL A 388 -0.86 -17.89 -8.04
N MET A 389 -1.15 -16.77 -7.38
CA MET A 389 -0.73 -16.53 -6.01
C MET A 389 -1.90 -16.82 -5.09
N ASP A 390 -1.81 -17.92 -4.35
CA ASP A 390 -2.89 -18.34 -3.48
C ASP A 390 -2.77 -17.65 -2.11
N GLY A 391 -3.79 -17.84 -1.29
CA GLY A 391 -3.85 -17.17 0.00
C GLY A 391 -3.95 -15.67 -0.11
N SER A 392 -4.50 -15.16 -1.21
CA SER A 392 -4.55 -13.73 -1.48
C SER A 392 -5.96 -13.16 -1.35
N GLY A 393 -6.79 -13.79 -0.52
CA GLY A 393 -8.14 -13.32 -0.28
C GLY A 393 -8.32 -12.42 0.91
N ALA A 394 -7.26 -12.19 1.68
CA ALA A 394 -7.30 -11.37 2.87
C ALA A 394 -6.23 -10.30 2.78
N TYR A 395 -6.63 -9.03 2.94
CA TYR A 395 -5.71 -7.90 2.96
C TYR A 395 -4.90 -7.82 1.66
N CYS A 396 -5.55 -8.10 0.54
CA CYS A 396 -4.94 -7.91 -0.78
C CYS A 396 -5.79 -6.97 -1.61
N SER A 397 -6.97 -7.41 -2.08
CA SER A 397 -7.88 -6.49 -2.74
C SER A 397 -8.29 -5.36 -1.81
N GLY A 398 -8.49 -5.67 -0.53
CA GLY A 398 -8.89 -4.66 0.43
C GLY A 398 -7.77 -3.82 1.00
N MET A 399 -6.51 -4.12 0.65
CA MET A 399 -5.39 -3.34 1.14
C MET A 399 -4.19 -3.48 0.21
N SER A 400 -4.17 -2.67 -0.85
CA SER A 400 -3.07 -2.69 -1.81
C SER A 400 -2.87 -1.28 -2.32
N THR A 401 -1.82 -1.09 -3.10
CA THR A 401 -1.54 0.21 -3.70
C THR A 401 -2.10 0.26 -5.12
N LYS A 402 -3.44 0.17 -5.20
CA LYS A 402 -4.13 0.28 -6.46
C LYS A 402 -3.85 1.64 -7.11
N ASN A 403 -3.82 1.63 -8.44
CA ASN A 403 -3.64 2.81 -9.29
C ASN A 403 -2.23 3.39 -9.24
N TYR A 404 -1.31 2.78 -8.47
CA TYR A 404 0.10 3.11 -8.61
C TYR A 404 0.56 2.74 -10.01
N ASN A 405 1.36 3.62 -10.62
CA ASN A 405 1.73 3.53 -12.03
C ASN A 405 0.51 3.64 -12.95
N SER A 406 -0.62 4.10 -12.38
CA SER A 406 -1.90 4.28 -13.07
C SER A 406 -2.48 2.96 -13.58
N PHE A 407 -2.11 1.83 -12.98
CA PHE A 407 -2.71 0.57 -13.37
C PHE A 407 -4.14 0.48 -12.83
N PRO A 408 -5.08 0.00 -13.63
CA PRO A 408 -6.47 -0.08 -13.14
C PRO A 408 -6.63 -1.12 -12.06
N GLU A 409 -7.65 -0.91 -11.22
CA GLU A 409 -7.97 -1.87 -10.18
C GLU A 409 -8.45 -3.18 -10.79
N ALA A 410 -7.83 -4.28 -10.40
CA ALA A 410 -8.11 -5.58 -11.00
C ALA A 410 -9.56 -6.00 -10.72
N PRO A 411 -10.17 -6.73 -11.64
CA PRO A 411 -11.54 -7.24 -11.39
C PRO A 411 -11.53 -8.37 -10.37
N GLU A 412 -12.74 -8.77 -9.98
CA GLU A 412 -12.94 -9.86 -9.04
C GLU A 412 -13.91 -10.88 -9.64
N VAL A 413 -13.58 -12.16 -9.47
CA VAL A 413 -14.36 -13.26 -10.01
C VAL A 413 -14.75 -14.20 -8.88
N LEU A 414 -15.95 -14.76 -8.96
CA LEU A 414 -16.44 -15.75 -8.02
C LEU A 414 -16.62 -17.08 -8.74
N VAL A 415 -16.06 -18.15 -8.18
CA VAL A 415 -16.14 -19.48 -8.77
C VAL A 415 -17.11 -20.31 -7.94
N ASP A 416 -18.25 -20.66 -8.53
CA ASP A 416 -19.30 -21.35 -7.78
C ASP A 416 -18.91 -22.81 -7.53
N LYS A 417 -19.77 -23.49 -6.77
CA LYS A 417 -19.52 -24.87 -6.39
C LYS A 417 -19.43 -25.80 -7.59
N ALA A 418 -19.78 -25.34 -8.79
CA ALA A 418 -19.75 -26.16 -9.99
C ALA A 418 -18.58 -25.85 -10.90
N GLY A 419 -17.73 -24.88 -10.54
CA GLY A 419 -16.60 -24.52 -11.36
C GLY A 419 -16.85 -23.47 -12.41
N LYS A 420 -18.01 -22.81 -12.37
CA LYS A 420 -18.30 -21.71 -13.29
C LYS A 420 -17.88 -20.38 -12.67
N ALA A 421 -17.44 -19.46 -13.53
CA ALA A 421 -16.95 -18.16 -13.09
C ALA A 421 -18.02 -17.10 -13.23
N HIS A 422 -18.15 -16.26 -12.20
CA HIS A 422 -19.07 -15.13 -12.20
C HIS A 422 -18.29 -13.87 -11.84
N LEU A 423 -18.43 -12.84 -12.66
CA LEU A 423 -17.80 -11.56 -12.38
C LEU A 423 -18.56 -10.83 -11.27
N ILE A 424 -17.85 -10.40 -10.23
CA ILE A 424 -18.44 -9.66 -9.12
C ILE A 424 -17.90 -8.25 -8.99
N ARG A 425 -16.92 -7.88 -9.82
CA ARG A 425 -16.42 -6.49 -9.87
C ARG A 425 -15.72 -6.32 -11.20
N LYS A 426 -16.28 -5.49 -12.08
CA LYS A 426 -15.67 -5.28 -13.38
C LYS A 426 -14.38 -4.48 -13.24
N ARG A 427 -13.48 -4.67 -14.20
CA ARG A 427 -12.22 -3.96 -14.20
C ARG A 427 -12.45 -2.46 -14.25
N GLN A 428 -11.62 -1.72 -13.51
CA GLN A 428 -11.72 -0.27 -13.52
C GLN A 428 -11.18 0.30 -14.84
N THR A 429 -11.79 1.38 -15.31
CA THR A 429 -11.29 2.02 -16.51
C THR A 429 -10.27 3.09 -16.14
N LEU A 430 -9.46 3.47 -17.12
CA LEU A 430 -8.43 4.47 -16.89
C LEU A 430 -9.04 5.79 -16.44
N SER A 431 -10.10 6.24 -17.11
CA SER A 431 -10.69 7.54 -16.78
C SER A 431 -11.29 7.53 -15.37
N GLN A 432 -11.67 6.37 -14.84
CA GLN A 432 -12.18 6.31 -13.48
C GLN A 432 -11.09 6.60 -12.43
N ILE A 433 -9.82 6.42 -12.79
CA ILE A 433 -8.75 6.63 -11.83
C ILE A 433 -8.63 8.10 -11.45
N TYR A 434 -8.82 9.01 -12.40
CA TYR A 434 -8.74 10.44 -12.15
C TYR A 434 -10.07 11.13 -12.43
N GLU A 435 -11.18 10.45 -12.14
CA GLU A 435 -12.51 11.00 -12.38
C GLU A 435 -12.92 12.07 -11.36
N ASN A 436 -12.18 12.23 -10.27
CA ASN A 436 -12.48 13.24 -9.28
C ASN A 436 -11.51 14.43 -9.35
N GLU A 437 -10.64 14.47 -10.35
CA GLU A 437 -9.73 15.59 -10.52
C GLU A 437 -10.46 16.78 -11.14
N ILE A 438 -10.05 17.98 -10.72
CA ILE A 438 -10.69 19.22 -11.11
C ILE A 438 -9.67 20.11 -11.80
N SER A 439 -10.11 20.75 -12.89
CA SER A 439 -9.22 21.59 -13.69
C SER A 439 -8.82 22.85 -12.93
N VAL A 440 -7.53 23.03 -12.71
CA VAL A 440 -6.95 24.30 -12.25
C VAL A 440 -5.43 24.19 -12.27
N THR B 4 11.19 28.20 20.24
CA THR B 4 10.03 27.52 20.80
C THR B 4 9.45 26.51 19.79
N ASN B 5 8.14 26.49 19.64
CA ASN B 5 7.49 25.67 18.64
C ASN B 5 7.56 26.36 17.27
N PRO B 6 7.55 25.59 16.18
CA PRO B 6 7.49 26.21 14.85
C PRO B 6 6.17 26.95 14.65
N LEU B 7 6.26 28.14 14.09
CA LEU B 7 5.06 28.97 13.94
C LEU B 7 4.42 28.57 12.63
N GLN B 8 5.04 27.61 11.97
CA GLN B 8 4.54 27.15 10.66
C GLN B 8 5.15 25.82 10.26
N SER B 9 4.60 25.23 9.21
CA SER B 9 5.17 24.01 8.60
C SER B 9 6.09 24.47 7.48
N ILE B 10 6.58 23.56 6.65
CA ILE B 10 7.53 23.95 5.58
C ILE B 10 6.87 24.98 4.66
N PHE B 11 5.56 24.89 4.42
CA PHE B 11 4.96 25.93 3.61
C PHE B 11 3.53 26.29 4.04
N LEU B 12 3.09 25.90 5.23
CA LEU B 12 1.75 26.23 5.71
C LEU B 12 1.81 26.87 7.09
N THR B 13 1.22 28.05 7.20
CA THR B 13 0.91 28.63 8.50
C THR B 13 -0.42 28.07 8.99
N PRO B 14 -0.76 28.27 10.27
CA PRO B 14 -2.10 27.86 10.72
C PRO B 14 -3.24 28.45 9.90
N GLU B 15 -3.07 29.67 9.38
CA GLU B 15 -4.09 30.27 8.53
C GLU B 15 -4.18 29.57 7.19
N THR B 16 -3.03 29.36 6.53
CA THR B 16 -3.03 28.72 5.22
C THR B 16 -3.52 27.27 5.32
N ALA B 17 -3.17 26.57 6.40
CA ALA B 17 -3.64 25.21 6.59
C ALA B 17 -5.17 25.17 6.72
N LYS B 18 -5.74 26.13 7.45
CA LYS B 18 -7.19 26.21 7.56
C LYS B 18 -7.83 26.56 6.22
N ALA B 19 -7.10 27.26 5.35
CA ALA B 19 -7.65 27.58 4.03
C ALA B 19 -7.79 26.33 3.18
N CYS B 20 -6.80 25.43 3.23
CA CYS B 20 -6.90 24.18 2.49
C CYS B 20 -8.03 23.31 3.02
N ILE B 21 -8.17 23.24 4.35
CA ILE B 21 -9.25 22.45 4.93
C ILE B 21 -10.59 22.95 4.46
N ASP B 22 -10.77 24.28 4.41
CA ASP B 22 -12.02 24.86 3.92
C ASP B 22 -12.27 24.48 2.46
N ALA B 23 -11.25 24.67 1.61
CA ALA B 23 -11.38 24.36 0.20
C ALA B 23 -11.57 22.86 -0.06
N ALA B 24 -11.19 22.00 0.89
CA ALA B 24 -11.32 20.56 0.71
C ALA B 24 -12.53 19.96 1.41
N GLY B 25 -13.25 20.73 2.21
CA GLY B 25 -14.39 20.23 2.96
C GLY B 25 -14.05 19.63 4.30
N GLY B 26 -12.78 19.51 4.63
CA GLY B 26 -12.33 18.92 5.88
C GLY B 26 -11.04 18.15 5.66
N THR B 27 -10.60 17.46 6.72
CA THR B 27 -9.40 16.63 6.76
C THR B 27 -9.77 15.16 6.60
N PRO B 28 -8.86 14.32 6.08
CA PRO B 28 -7.51 14.64 5.60
C PRO B 28 -7.47 15.19 4.18
N LEU B 29 -6.32 15.73 3.78
CA LEU B 29 -6.14 16.26 2.44
C LEU B 29 -4.64 16.34 2.14
N TYR B 30 -4.33 16.33 0.84
CA TYR B 30 -3.00 16.62 0.35
C TYR B 30 -2.93 18.08 -0.06
N ALA B 31 -1.80 18.72 0.22
CA ALA B 31 -1.60 20.13 -0.13
C ALA B 31 -0.31 20.26 -0.92
N TYR B 32 -0.36 20.98 -2.03
CA TYR B 32 0.79 21.21 -2.89
C TYR B 32 1.06 22.71 -3.01
N SER B 33 2.34 23.07 -2.95
CA SER B 33 2.77 24.46 -3.02
C SER B 33 3.31 24.76 -4.41
N ILE B 34 2.67 25.72 -5.09
CA ILE B 34 3.17 26.16 -6.39
C ILE B 34 4.58 26.70 -6.27
N ASP B 35 4.88 27.41 -5.17
CA ASP B 35 6.22 27.91 -4.93
C ASP B 35 7.24 26.79 -4.91
N LYS B 36 6.98 25.74 -4.12
CA LYS B 36 7.93 24.64 -3.99
C LYS B 36 8.11 23.92 -5.32
N LEU B 37 7.04 23.79 -6.10
CA LEU B 37 7.18 23.23 -7.44
C LEU B 37 8.06 24.12 -8.32
N GLU B 38 7.87 25.45 -8.22
CA GLU B 38 8.68 26.37 -9.02
C GLU B 38 10.16 26.29 -8.64
N GLU B 39 10.44 26.23 -7.34
CA GLU B 39 11.82 26.16 -6.87
C GLU B 39 12.50 24.89 -7.36
N ALA B 40 11.78 23.76 -7.35
CA ALA B 40 12.36 22.50 -7.81
C ALA B 40 12.49 22.48 -9.32
N ALA B 41 11.51 23.05 -10.03
CA ALA B 41 11.56 23.07 -11.49
C ALA B 41 12.78 23.82 -11.99
N ASP B 42 13.15 24.92 -11.33
CA ASP B 42 14.28 25.71 -11.78
C ASP B 42 15.60 24.99 -11.53
N ALA B 43 15.74 24.38 -10.34
CA ALA B 43 16.98 23.65 -10.03
C ALA B 43 17.22 22.53 -11.04
N CYS B 44 16.16 21.79 -11.40
CA CYS B 44 16.32 20.71 -12.36
C CYS B 44 16.59 21.24 -13.76
N LEU B 45 15.92 22.34 -14.13
CA LEU B 45 16.14 22.94 -15.44
C LEU B 45 17.48 23.66 -15.53
N ALA B 46 18.20 23.82 -14.42
CA ALA B 46 19.53 24.41 -14.41
C ALA B 46 20.63 23.35 -14.30
N PHE B 47 20.29 22.08 -14.54
CA PHE B 47 21.28 21.01 -14.48
C PHE B 47 22.40 21.27 -15.48
N PRO B 48 23.66 21.21 -15.06
CA PRO B 48 24.77 21.47 -16.00
C PRO B 48 24.81 20.43 -17.11
N ASN B 49 24.95 20.90 -18.34
CA ASN B 49 24.97 20.01 -19.50
C ASN B 49 25.88 20.59 -20.57
N ALA B 50 26.43 19.71 -21.39
CA ALA B 50 27.40 20.09 -22.41
C ALA B 50 26.74 20.46 -23.72
N TYR B 51 25.73 19.69 -24.16
CA TYR B 51 25.14 19.86 -25.48
C TYR B 51 23.63 19.72 -25.47
N GLY B 52 22.98 20.13 -24.38
CA GLY B 52 21.54 20.04 -24.30
C GLY B 52 21.03 19.21 -23.14
N LEU B 53 19.86 19.59 -22.60
CA LEU B 53 19.28 18.91 -21.46
C LEU B 53 17.77 18.86 -21.61
N THR B 54 17.20 17.66 -21.45
CA THR B 54 15.77 17.45 -21.40
C THR B 54 15.42 16.91 -20.02
N VAL B 55 14.52 17.59 -19.32
CA VAL B 55 14.08 17.18 -17.99
C VAL B 55 12.70 16.53 -18.12
N ARG B 56 12.60 15.29 -17.67
CA ARG B 56 11.34 14.54 -17.67
C ARG B 56 10.86 14.33 -16.25
N TYR B 57 9.60 14.66 -16.00
CA TYR B 57 8.97 14.39 -14.71
C TYR B 57 8.51 12.94 -14.69
N ALA B 58 9.03 12.15 -13.74
CA ALA B 58 8.58 10.78 -13.56
C ALA B 58 7.21 10.79 -12.89
N MET B 59 6.16 10.88 -13.70
CA MET B 59 4.83 11.15 -13.19
C MET B 59 4.32 10.07 -12.23
N LYS B 60 5.02 8.94 -12.11
CA LYS B 60 4.62 7.91 -11.16
C LYS B 60 4.65 8.40 -9.71
N ALA B 61 5.27 9.54 -9.44
CA ALA B 61 5.36 10.03 -8.07
C ALA B 61 4.12 10.80 -7.65
N CYS B 62 3.44 11.46 -8.59
CA CYS B 62 2.19 12.18 -8.33
C CYS B 62 1.56 12.53 -9.66
N PRO B 63 0.56 11.78 -10.11
CA PRO B 63 0.07 11.93 -11.48
C PRO B 63 -1.08 12.93 -11.64
N ASN B 64 -1.26 13.83 -10.68
CA ASN B 64 -2.34 14.79 -10.76
C ASN B 64 -2.17 15.69 -11.99
N ALA B 65 -3.29 15.94 -12.68
CA ALA B 65 -3.22 16.65 -13.96
C ALA B 65 -2.76 18.10 -13.80
N SER B 66 -3.00 18.71 -12.64
CA SER B 66 -2.52 20.07 -12.43
C SER B 66 -1.02 20.09 -12.25
N ILE B 67 -0.46 19.07 -11.60
CA ILE B 67 1.00 18.95 -11.50
C ILE B 67 1.60 18.77 -12.89
N LEU B 68 0.96 17.96 -13.73
CA LEU B 68 1.45 17.75 -15.08
C LEU B 68 1.35 19.02 -15.92
N LYS B 69 0.19 19.69 -15.89
CA LYS B 69 0.01 20.93 -16.61
C LYS B 69 1.03 21.98 -16.19
N TYR B 70 1.43 21.98 -14.92
CA TYR B 70 2.38 22.97 -14.44
C TYR B 70 3.77 22.72 -15.01
N PHE B 71 4.29 21.50 -14.84
CA PHE B 71 5.60 21.18 -15.39
C PHE B 71 5.63 21.38 -16.90
N HIS B 72 4.52 21.10 -17.59
CA HIS B 72 4.46 21.32 -19.02
C HIS B 72 4.65 22.79 -19.36
N SER B 73 4.12 23.70 -18.53
CA SER B 73 4.34 25.13 -18.73
C SER B 73 5.76 25.55 -18.41
N LYS B 74 6.56 24.68 -17.79
CA LYS B 74 7.95 24.96 -17.46
C LYS B 74 8.91 24.22 -18.38
N ASN B 75 8.43 23.72 -19.52
CA ASN B 75 9.24 23.03 -20.52
C ASN B 75 9.78 21.70 -20.01
N ILE B 76 9.09 21.08 -19.07
CA ILE B 76 9.52 19.80 -18.51
C ILE B 76 8.69 18.69 -19.13
N HIS B 77 9.35 17.64 -19.59
CA HIS B 77 8.71 16.54 -20.31
C HIS B 77 8.20 15.50 -19.32
N VAL B 78 7.86 14.31 -19.82
CA VAL B 78 7.20 13.27 -19.01
C VAL B 78 7.92 11.94 -19.22
N ASP B 79 8.20 11.25 -18.11
CA ASP B 79 8.70 9.88 -18.13
C ASP B 79 7.58 8.98 -17.60
N ALA B 80 6.91 8.27 -18.50
CA ALA B 80 5.80 7.40 -18.13
C ALA B 80 6.29 5.97 -17.92
N SER B 81 5.62 5.26 -17.01
CA SER B 81 6.02 3.91 -16.65
C SER B 81 4.95 2.87 -16.94
N SER B 82 3.94 3.23 -17.74
CA SER B 82 2.94 2.28 -18.21
C SER B 82 2.15 2.93 -19.33
N GLY B 83 1.53 2.10 -20.17
CA GLY B 83 0.67 2.63 -21.21
C GLY B 83 -0.46 3.47 -20.66
N PHE B 84 -0.91 3.17 -19.45
CA PHE B 84 -1.96 3.96 -18.82
C PHE B 84 -1.47 5.35 -18.45
N GLU B 85 -0.23 5.46 -17.96
CA GLU B 85 0.32 6.77 -17.67
C GLU B 85 0.55 7.59 -18.94
N VAL B 86 0.88 6.93 -20.05
CA VAL B 86 1.06 7.65 -21.30
C VAL B 86 -0.24 8.31 -21.72
N ARG B 87 -1.36 7.57 -21.64
CA ARG B 87 -2.66 8.14 -22.00
C ARG B 87 -3.12 9.16 -20.96
N ARG B 88 -2.87 8.89 -19.68
CA ARG B 88 -3.24 9.83 -18.63
C ARG B 88 -2.53 11.16 -18.81
N ALA B 89 -1.23 11.13 -19.12
CA ALA B 89 -0.48 12.36 -19.35
C ALA B 89 -1.00 13.09 -20.58
N MET B 90 -1.41 12.34 -21.62
CA MET B 90 -1.97 12.96 -22.81
C MET B 90 -3.31 13.62 -22.54
N ASP B 91 -4.09 13.10 -21.59
CA ASP B 91 -5.36 13.72 -21.25
C ASP B 91 -5.17 15.06 -20.55
N ALA B 92 -4.02 15.28 -19.91
CA ALA B 92 -3.73 16.54 -19.25
C ALA B 92 -3.18 17.60 -20.20
N GLY B 93 -3.10 17.31 -21.48
CA GLY B 93 -2.61 18.27 -22.46
C GLY B 93 -1.17 18.12 -22.85
N VAL B 94 -0.50 17.05 -22.42
CA VAL B 94 0.90 16.83 -22.78
C VAL B 94 0.96 16.22 -24.19
N PRO B 95 1.75 16.77 -25.09
CA PRO B 95 1.87 16.17 -26.43
C PRO B 95 2.42 14.75 -26.36
N ALA B 96 2.16 13.99 -27.42
CA ALA B 96 2.66 12.62 -27.48
C ALA B 96 4.18 12.58 -27.52
N GLU B 97 4.79 13.52 -28.25
CA GLU B 97 6.24 13.54 -28.42
C GLU B 97 6.98 13.90 -27.14
N ASN B 98 6.31 14.48 -26.15
CA ASN B 98 6.93 14.84 -24.89
C ASN B 98 6.87 13.72 -23.86
N ILE B 99 6.63 12.49 -24.30
CA ILE B 99 6.45 11.35 -23.40
C ILE B 99 7.45 10.26 -23.76
N SER B 100 8.15 9.77 -22.75
CA SER B 100 9.00 8.58 -22.86
C SER B 100 8.31 7.43 -22.14
N LEU B 101 8.32 6.24 -22.76
CA LEU B 101 7.69 5.07 -22.19
C LEU B 101 8.77 4.07 -21.79
N SER B 102 8.97 3.91 -20.49
CA SER B 102 9.87 2.89 -19.92
C SER B 102 9.05 2.09 -18.91
N THR B 103 8.65 0.87 -19.28
CA THR B 103 7.71 0.12 -18.46
C THR B 103 8.13 -1.34 -18.35
N GLN B 104 7.87 -1.92 -17.19
CA GLN B 104 8.03 -3.36 -17.02
C GLN B 104 7.07 -4.14 -17.92
N GLU B 105 5.88 -3.59 -18.15
CA GLU B 105 4.80 -4.27 -18.86
C GLU B 105 4.48 -3.48 -20.12
N LEU B 106 4.92 -4.00 -21.26
CA LEU B 106 4.61 -3.38 -22.54
C LEU B 106 3.13 -3.56 -22.86
N PRO B 107 2.37 -2.49 -23.06
CA PRO B 107 0.94 -2.63 -23.35
C PRO B 107 0.70 -3.20 -24.74
N GLU B 108 -0.43 -3.89 -24.90
CA GLU B 108 -0.75 -4.49 -26.19
C GLU B 108 -1.04 -3.45 -27.26
N ASP B 109 -1.38 -2.22 -26.88
CA ASP B 109 -1.63 -1.14 -27.83
C ASP B 109 -0.44 -0.21 -27.96
N PHE B 110 0.78 -0.72 -27.79
CA PHE B 110 1.96 0.13 -27.82
C PHE B 110 2.21 0.73 -29.20
N ALA B 111 1.90 -0.02 -30.26
CA ALA B 111 2.06 0.53 -31.61
C ALA B 111 1.18 1.75 -31.83
N ALA B 112 -0.01 1.77 -31.23
CA ALA B 112 -0.88 2.93 -31.34
C ALA B 112 -0.25 4.15 -30.67
N LEU B 113 0.41 3.94 -29.53
CA LEU B 113 1.06 5.05 -28.84
C LEU B 113 2.27 5.56 -29.61
N VAL B 114 3.05 4.65 -30.21
CA VAL B 114 4.26 5.05 -30.92
C VAL B 114 3.92 5.89 -32.14
N ASP B 115 2.86 5.52 -32.87
CA ASP B 115 2.49 6.23 -34.08
C ASP B 115 2.05 7.66 -33.78
N MET B 116 1.52 7.90 -32.58
CA MET B 116 1.14 9.25 -32.19
C MET B 116 2.35 10.13 -31.92
N GLY B 117 3.50 9.54 -31.62
CA GLY B 117 4.70 10.32 -31.35
C GLY B 117 5.39 9.97 -30.05
N VAL B 118 4.82 9.03 -29.29
CA VAL B 118 5.41 8.60 -28.04
C VAL B 118 6.71 7.86 -28.31
N LYS B 119 7.75 8.18 -27.54
CA LYS B 119 9.06 7.56 -27.69
C LYS B 119 9.19 6.41 -26.71
N LEU B 120 9.58 5.24 -27.23
CA LEU B 120 9.66 4.01 -26.45
C LEU B 120 11.11 3.63 -26.19
N ASN B 121 11.39 3.24 -24.95
CA ASN B 121 12.67 2.67 -24.55
C ASN B 121 12.46 1.21 -24.20
N ALA B 122 12.92 0.31 -25.07
CA ALA B 122 12.79 -1.13 -24.81
C ALA B 122 13.59 -1.51 -23.57
N CYS B 123 12.95 -2.21 -22.65
CA CYS B 123 13.58 -2.62 -21.39
C CYS B 123 13.87 -4.11 -21.34
N SER B 124 13.65 -4.84 -22.43
CA SER B 124 13.94 -6.26 -22.47
C SER B 124 14.06 -6.70 -23.92
N VAL B 125 14.74 -7.82 -24.12
CA VAL B 125 14.85 -8.41 -25.46
C VAL B 125 13.46 -8.68 -26.02
N SER B 126 12.55 -9.14 -25.17
CA SER B 126 11.18 -9.40 -25.60
C SER B 126 10.52 -8.13 -26.13
N GLN B 127 10.63 -7.03 -25.38
CA GLN B 127 10.05 -5.76 -25.81
C GLN B 127 10.66 -5.30 -27.12
N LEU B 128 12.00 -5.31 -27.21
CA LEU B 128 12.68 -4.91 -28.43
C LEU B 128 12.29 -5.80 -29.62
N GLU B 129 12.00 -7.07 -29.36
CA GLU B 129 11.58 -7.97 -30.45
C GLU B 129 10.14 -7.68 -30.87
N ARG B 130 9.25 -7.43 -29.91
CA ARG B 130 7.87 -7.09 -30.25
CA ARG B 130 7.88 -7.08 -30.25
C ARG B 130 7.81 -5.78 -31.03
N PHE B 131 8.61 -4.79 -30.62
CA PHE B 131 8.69 -3.54 -31.38
C PHE B 131 9.24 -3.80 -32.78
N GLY B 132 10.30 -4.59 -32.88
CA GLY B 132 10.90 -4.87 -34.18
C GLY B 132 10.00 -5.66 -35.11
N GLU B 133 9.20 -6.58 -34.56
CA GLU B 133 8.32 -7.37 -35.43
C GLU B 133 7.22 -6.51 -36.04
N HIS B 134 6.72 -5.53 -35.29
CA HIS B 134 5.66 -4.67 -35.81
C HIS B 134 6.19 -3.65 -36.81
N TYR B 135 7.42 -3.17 -36.62
CA TYR B 135 8.00 -2.11 -37.43
C TYR B 135 9.16 -2.58 -38.31
N ALA B 136 9.22 -3.88 -38.61
CA ALA B 136 10.35 -4.45 -39.33
C ALA B 136 10.51 -3.79 -40.69
N GLY B 137 11.70 -3.24 -40.95
CA GLY B 137 11.99 -2.64 -42.24
C GLY B 137 11.17 -1.42 -42.58
N LYS B 138 10.73 -0.66 -41.58
CA LYS B 138 9.92 0.54 -41.82
C LYS B 138 10.57 1.80 -41.27
N GLY B 139 11.89 1.76 -41.03
CA GLY B 139 12.61 2.95 -40.60
C GLY B 139 12.24 3.46 -39.23
N ALA B 140 11.84 2.58 -38.32
CA ALA B 140 11.46 3.01 -36.99
C ALA B 140 12.70 3.45 -36.20
N LYS B 141 12.44 4.25 -35.16
CA LYS B 141 13.46 4.61 -34.19
C LYS B 141 13.02 4.16 -32.81
N VAL B 142 13.97 3.75 -31.98
CA VAL B 142 13.67 3.19 -30.68
C VAL B 142 14.82 3.51 -29.73
N GLY B 143 14.53 3.54 -28.43
CA GLY B 143 15.53 3.61 -27.41
C GLY B 143 15.75 2.26 -26.75
N VAL B 144 16.88 2.11 -26.09
CA VAL B 144 17.25 0.88 -25.40
C VAL B 144 17.65 1.21 -23.96
N ARG B 145 16.99 0.58 -23.00
CA ARG B 145 17.32 0.72 -21.59
C ARG B 145 18.25 -0.42 -21.18
N VAL B 146 19.44 -0.07 -20.70
CA VAL B 146 20.52 -1.04 -20.47
C VAL B 146 20.78 -1.16 -18.97
N ASN B 147 20.80 -2.40 -18.47
CA ASN B 147 21.32 -2.70 -17.15
C ASN B 147 22.84 -2.69 -17.25
N PRO B 148 23.50 -1.67 -16.70
CA PRO B 148 24.96 -1.53 -16.91
C PRO B 148 25.78 -2.64 -16.28
N GLY B 149 25.19 -3.49 -15.45
CA GLY B 149 25.92 -4.52 -14.76
C GLY B 149 26.25 -4.19 -13.33
N VAL B 150 26.03 -2.95 -12.90
CA VAL B 150 26.27 -2.53 -11.53
C VAL B 150 25.07 -1.70 -11.08
N GLY B 151 24.62 -1.94 -9.85
CA GLY B 151 23.49 -1.21 -9.32
C GLY B 151 23.91 0.06 -8.62
N SER B 152 23.75 0.11 -7.30
CA SER B 152 24.14 1.26 -6.50
C SER B 152 25.46 1.03 -5.77
N GLY B 153 26.36 0.26 -6.35
CA GLY B 153 27.64 -0.02 -5.73
C GLY B 153 28.82 0.32 -6.62
N GLY B 154 29.01 1.62 -6.88
CA GLY B 154 30.13 2.07 -7.69
C GLY B 154 31.38 2.36 -6.87
N SER B 163 22.64 -8.62 -3.42
CA SER B 163 21.61 -9.63 -3.22
C SER B 163 20.26 -9.01 -2.88
N LYS B 164 20.26 -7.75 -2.49
CA LYS B 164 19.04 -7.02 -2.20
C LYS B 164 18.44 -6.49 -3.50
N THR B 165 17.22 -5.96 -3.40
CA THR B 165 16.58 -5.34 -4.54
C THR B 165 17.31 -4.06 -4.91
N ASN B 166 17.65 -3.91 -6.20
CA ASN B 166 18.41 -2.78 -6.66
C ASN B 166 17.88 -2.32 -8.01
N VAL B 167 18.28 -1.12 -8.42
CA VAL B 167 17.92 -0.59 -9.73
C VAL B 167 18.81 -1.11 -10.84
N GLY B 168 19.88 -1.83 -10.51
CA GLY B 168 20.78 -2.37 -11.51
C GLY B 168 21.59 -3.51 -10.91
N GLY B 169 22.37 -4.16 -11.77
CA GLY B 169 23.20 -5.26 -11.35
C GLY B 169 22.54 -6.60 -11.61
N PRO B 170 23.16 -7.67 -11.11
CA PRO B 170 22.60 -9.02 -11.34
C PRO B 170 21.31 -9.28 -10.57
N SER B 171 20.94 -8.41 -9.64
CA SER B 171 19.73 -8.57 -8.85
C SER B 171 18.52 -7.88 -9.46
N SER B 172 18.71 -7.00 -10.44
CA SER B 172 17.64 -6.19 -10.99
C SER B 172 17.05 -6.83 -12.25
N SER B 173 15.77 -6.56 -12.47
CA SER B 173 15.12 -6.91 -13.73
C SER B 173 14.95 -5.72 -14.66
N PHE B 174 15.53 -4.56 -14.30
CA PHE B 174 15.63 -3.41 -15.20
C PHE B 174 17.09 -3.26 -15.61
N GLY B 175 17.39 -3.43 -16.89
CA GLY B 175 16.43 -3.83 -17.91
C GLY B 175 17.08 -4.90 -18.78
N ILE B 176 17.71 -4.48 -19.87
CA ILE B 176 18.46 -5.41 -20.71
C ILE B 176 19.85 -5.62 -20.12
N TRP B 177 20.21 -6.88 -19.89
CA TRP B 177 21.51 -7.19 -19.33
C TRP B 177 22.62 -6.75 -20.29
N HIS B 178 23.64 -6.09 -19.73
CA HIS B 178 24.68 -5.48 -20.56
C HIS B 178 25.42 -6.52 -21.39
N GLU B 179 25.50 -7.77 -20.91
CA GLU B 179 26.24 -8.78 -21.65
C GLU B 179 25.52 -9.20 -22.93
N LEU B 180 24.20 -8.98 -23.02
CA LEU B 180 23.51 -9.21 -24.28
C LEU B 180 23.77 -8.09 -25.28
N VAL B 181 24.25 -6.94 -24.83
CA VAL B 181 24.66 -5.89 -25.76
C VAL B 181 26.08 -6.15 -26.25
N THR B 182 26.97 -6.53 -25.34
CA THR B 182 28.38 -6.69 -25.66
C THR B 182 28.69 -8.02 -26.34
N ASP B 183 27.70 -8.89 -26.54
CA ASP B 183 27.91 -10.13 -27.30
C ASP B 183 27.10 -10.17 -28.58
N GLY B 184 26.66 -9.01 -29.08
CA GLY B 184 26.03 -8.92 -30.37
C GLY B 184 24.55 -9.18 -30.40
N THR B 185 23.98 -9.81 -29.36
CA THR B 185 22.58 -10.21 -29.40
C THR B 185 21.65 -9.03 -29.67
N VAL B 186 21.77 -7.97 -28.88
CA VAL B 186 20.93 -6.79 -29.07
C VAL B 186 21.30 -6.08 -30.36
N PRO B 187 22.59 -5.92 -30.71
CA PRO B 187 22.91 -5.38 -32.04
C PRO B 187 22.28 -6.15 -33.20
N ASP B 188 22.28 -7.49 -33.16
CA ASP B 188 21.70 -8.25 -34.27
C ASP B 188 20.18 -8.12 -34.31
N ILE B 189 19.53 -7.96 -33.16
CA ILE B 189 18.08 -7.74 -33.17
C ILE B 189 17.76 -6.44 -33.90
N VAL B 190 18.46 -5.37 -33.55
CA VAL B 190 18.27 -4.09 -34.22
C VAL B 190 18.56 -4.21 -35.71
N GLU B 191 19.58 -4.98 -36.07
CA GLU B 191 19.95 -5.13 -37.48
C GLU B 191 18.97 -6.03 -38.23
N ARG B 192 18.38 -7.02 -37.56
CA ARG B 192 17.49 -7.95 -38.22
C ARG B 192 16.16 -7.28 -38.60
N TYR B 193 15.74 -6.27 -37.85
CA TYR B 193 14.47 -5.60 -38.07
C TYR B 193 14.61 -4.21 -38.68
N GLY B 194 15.84 -3.78 -38.99
CA GLY B 194 16.03 -2.47 -39.55
C GLY B 194 15.70 -1.34 -38.61
N LEU B 195 15.95 -1.52 -37.31
CA LEU B 195 15.69 -0.47 -36.33
C LEU B 195 16.88 0.48 -36.25
N GLU B 196 16.59 1.70 -35.81
CA GLU B 196 17.61 2.72 -35.58
C GLU B 196 17.58 3.09 -34.11
N VAL B 197 18.61 2.65 -33.37
CA VAL B 197 18.69 2.95 -31.94
C VAL B 197 18.93 4.44 -31.77
N GLU B 198 17.98 5.12 -31.14
CA GLU B 198 17.95 6.58 -31.05
C GLU B 198 18.60 7.09 -29.77
N ARG B 199 18.35 6.42 -28.64
CA ARG B 199 18.90 6.86 -27.37
C ARG B 199 19.19 5.66 -26.49
N ILE B 200 19.91 5.92 -25.40
CA ILE B 200 20.26 4.92 -24.40
C ILE B 200 19.69 5.37 -23.07
N HIS B 201 19.21 4.42 -22.28
CA HIS B 201 18.55 4.71 -21.01
C HIS B 201 19.19 3.88 -19.91
N THR B 202 19.64 4.55 -18.85
CA THR B 202 20.09 3.88 -17.64
C THR B 202 19.50 4.59 -16.43
N HIS B 203 19.45 3.87 -15.31
CA HIS B 203 18.98 4.44 -14.06
C HIS B 203 19.63 3.67 -12.92
N ILE B 204 20.86 4.05 -12.57
CA ILE B 204 21.57 3.45 -11.45
C ILE B 204 22.20 4.50 -10.53
N GLY B 205 22.02 5.78 -10.83
CA GLY B 205 22.59 6.81 -9.98
C GLY B 205 21.85 6.94 -8.66
N SER B 206 22.58 7.35 -7.64
CA SER B 206 22.04 7.50 -6.29
C SER B 206 23.00 8.35 -5.48
N GLY B 207 22.55 8.75 -4.30
CA GLY B 207 23.44 9.46 -3.39
C GLY B 207 23.77 10.88 -3.85
N SER B 208 24.83 11.41 -3.24
CA SER B 208 25.23 12.80 -3.44
C SER B 208 26.66 12.95 -3.89
N ASP B 209 27.38 11.85 -4.12
CA ASP B 209 28.79 11.91 -4.46
C ASP B 209 28.96 12.21 -5.95
N PRO B 210 29.62 13.30 -6.33
CA PRO B 210 29.86 13.55 -7.76
C PRO B 210 30.79 12.54 -8.39
N GLU B 211 31.69 11.92 -7.62
CA GLU B 211 32.54 10.88 -8.18
C GLU B 211 31.72 9.67 -8.59
N ILE B 212 30.70 9.32 -7.83
CA ILE B 212 29.85 8.19 -8.18
C ILE B 212 29.02 8.52 -9.42
N TRP B 213 28.47 9.74 -9.48
CA TRP B 213 27.67 10.13 -10.63
C TRP B 213 28.52 10.20 -11.89
N GLN B 214 29.79 10.56 -11.77
CA GLN B 214 30.68 10.57 -12.92
C GLN B 214 30.95 9.15 -13.41
N GLN B 215 31.08 8.19 -12.49
CA GLN B 215 31.21 6.79 -12.88
C GLN B 215 29.92 6.27 -13.52
N VAL B 216 28.77 6.78 -13.08
CA VAL B 216 27.51 6.39 -13.69
C VAL B 216 27.44 6.86 -15.13
N ALA B 217 27.78 8.12 -15.37
CA ALA B 217 27.70 8.68 -16.72
C ALA B 217 28.71 8.00 -17.65
N THR B 218 29.94 7.78 -17.17
CA THR B 218 30.96 7.16 -18.01
C THR B 218 30.56 5.76 -18.44
N LYS B 219 30.12 4.94 -17.47
CA LYS B 219 29.72 3.57 -17.81
C LYS B 219 28.48 3.56 -18.70
N SER B 220 27.57 4.54 -18.53
CA SER B 220 26.39 4.61 -19.38
C SER B 220 26.76 5.10 -20.78
N LEU B 221 27.76 5.98 -20.89
CA LEU B 221 28.17 6.46 -22.21
C LEU B 221 28.87 5.36 -23.01
N SER B 222 29.45 4.37 -22.33
CA SER B 222 30.17 3.31 -23.04
C SER B 222 29.23 2.44 -23.86
N PHE B 223 27.92 2.50 -23.60
CA PHE B 223 26.95 1.77 -24.40
C PHE B 223 26.47 2.55 -25.61
N CYS B 224 26.55 3.88 -25.58
CA CYS B 224 26.31 4.64 -26.81
C CYS B 224 27.43 4.47 -27.83
N LYS B 225 28.57 3.89 -27.43
CA LYS B 225 29.62 3.56 -28.38
C LYS B 225 29.21 2.40 -29.28
N VAL B 226 28.35 1.50 -28.78
CA VAL B 226 27.97 0.32 -29.55
C VAL B 226 27.02 0.68 -30.68
N PHE B 227 26.19 1.69 -30.48
CA PHE B 227 25.27 2.16 -31.52
C PHE B 227 25.64 3.56 -31.95
N PRO B 228 26.31 3.74 -33.10
CA PRO B 228 26.68 5.10 -33.53
C PRO B 228 25.49 6.00 -33.80
N THR B 229 24.29 5.45 -33.99
CA THR B 229 23.12 6.26 -34.27
C THR B 229 22.56 6.95 -33.03
N VAL B 230 23.05 6.62 -31.83
CA VAL B 230 22.51 7.19 -30.61
C VAL B 230 22.81 8.68 -30.57
N LYS B 231 21.77 9.48 -30.29
CA LYS B 231 21.92 10.92 -30.15
C LYS B 231 21.53 11.45 -28.78
N THR B 232 20.92 10.62 -27.93
CA THR B 232 20.45 11.04 -26.62
C THR B 232 20.86 10.02 -25.57
N MET B 233 21.14 10.51 -24.36
CA MET B 233 21.59 9.67 -23.25
C MET B 233 20.76 10.02 -22.03
N ASN B 234 19.85 9.13 -21.65
CA ASN B 234 18.99 9.33 -20.49
C ASN B 234 19.61 8.65 -19.28
N LEU B 235 19.99 9.45 -18.29
CA LEU B 235 20.62 8.94 -17.07
C LEU B 235 19.62 8.66 -15.96
N GLY B 236 18.33 8.82 -16.22
CA GLY B 236 17.34 8.40 -15.23
C GLY B 236 17.22 9.36 -14.06
N GLY B 237 16.78 8.83 -12.93
CA GLY B 237 16.54 9.64 -11.76
C GLY B 237 17.33 9.20 -10.54
N GLY B 238 16.69 9.20 -9.37
CA GLY B 238 17.34 8.82 -8.14
C GLY B 238 18.02 9.93 -7.39
N TYR B 239 17.66 11.18 -7.66
CA TYR B 239 18.30 12.32 -6.98
C TYR B 239 17.74 12.45 -5.58
N LYS B 240 18.64 12.38 -4.59
CA LYS B 240 18.25 12.20 -3.21
C LYS B 240 17.73 13.50 -2.60
N VAL B 241 16.65 13.38 -1.82
CA VAL B 241 16.02 14.50 -1.15
C VAL B 241 16.01 14.21 0.35
N GLY B 242 16.62 15.10 1.12
CA GLY B 242 16.62 14.97 2.57
C GLY B 242 15.43 15.67 3.21
N ARG B 243 14.36 14.91 3.46
CA ARG B 243 13.14 15.51 3.99
C ARG B 243 13.34 16.03 5.40
N ASN B 244 14.14 15.35 6.21
CA ASN B 244 14.32 15.67 7.61
C ASN B 244 15.56 16.53 7.80
N LYS B 245 15.47 17.48 8.74
CA LYS B 245 16.59 18.36 9.03
C LYS B 245 17.81 17.55 9.46
N GLY B 246 18.94 17.82 8.83
CA GLY B 246 20.16 17.06 9.04
C GLY B 246 20.49 16.09 7.93
N GLU B 247 19.55 15.82 7.03
CA GLU B 247 19.79 14.95 5.89
C GLU B 247 20.24 15.75 4.69
N VAL B 248 21.02 15.13 3.82
CA VAL B 248 21.66 15.80 2.69
C VAL B 248 20.81 15.63 1.45
N THR B 249 20.57 16.75 0.75
CA THR B 249 19.92 16.75 -0.55
C THR B 249 20.97 16.92 -1.64
N THR B 250 20.84 16.14 -2.72
CA THR B 250 21.82 16.17 -3.80
C THR B 250 21.95 17.57 -4.39
N ASP B 251 23.17 18.06 -4.45
CA ASP B 251 23.47 19.34 -5.10
C ASP B 251 23.55 19.10 -6.60
N LEU B 252 22.52 19.52 -7.33
CA LEU B 252 22.48 19.26 -8.77
C LEU B 252 23.64 19.93 -9.49
N GLN B 253 24.16 21.02 -8.96
CA GLN B 253 25.23 21.74 -9.63
C GLN B 253 26.57 21.02 -9.48
N LYS B 254 26.83 20.43 -8.32
CA LYS B 254 28.14 19.85 -8.06
C LYS B 254 28.27 18.42 -8.58
N ILE B 255 27.17 17.70 -8.75
CA ILE B 255 27.23 16.39 -9.40
C ILE B 255 27.14 16.51 -10.92
N GLY B 256 26.61 17.61 -11.44
CA GLY B 256 26.45 17.75 -12.87
C GLY B 256 27.68 18.20 -13.61
N LYS B 257 28.65 18.81 -12.92
CA LYS B 257 29.87 19.26 -13.58
C LYS B 257 30.74 18.07 -14.00
N PRO B 258 30.95 17.05 -13.15
CA PRO B 258 31.66 15.87 -13.65
C PRO B 258 30.86 15.07 -14.67
N VAL B 259 29.53 15.09 -14.60
CA VAL B 259 28.73 14.37 -15.59
C VAL B 259 28.81 15.06 -16.94
N ALA B 260 28.69 16.39 -16.96
CA ALA B 260 28.84 17.13 -18.20
C ALA B 260 30.22 16.92 -18.83
N ASP B 261 31.25 16.77 -17.99
CA ASP B 261 32.59 16.51 -18.51
C ASP B 261 32.66 15.16 -19.20
N ALA B 262 31.88 14.17 -18.73
CA ALA B 262 31.85 12.88 -19.39
C ALA B 262 31.28 13.00 -20.80
N PHE B 263 30.24 13.82 -20.97
CA PHE B 263 29.71 14.09 -22.30
C PHE B 263 30.73 14.83 -23.16
N LYS B 264 31.53 15.71 -22.56
CA LYS B 264 32.59 16.38 -23.31
C LYS B 264 33.68 15.41 -23.72
N LYS B 265 34.06 14.50 -22.82
CA LYS B 265 35.09 13.52 -23.15
C LYS B 265 34.59 12.51 -24.18
N PHE B 266 33.28 12.23 -24.18
CA PHE B 266 32.72 11.36 -25.20
C PHE B 266 32.76 12.03 -26.57
N ALA B 267 32.41 13.32 -26.63
CA ALA B 267 32.41 14.03 -27.91
C ALA B 267 33.82 14.19 -28.48
N GLU B 268 34.82 14.33 -27.61
CA GLU B 268 36.18 14.54 -28.09
C GLU B 268 36.75 13.26 -28.70
N LYS B 269 36.52 12.12 -28.04
CA LYS B 269 37.12 10.87 -28.51
C LYS B 269 36.24 10.13 -29.50
N GLU B 270 34.91 10.20 -29.37
CA GLU B 270 34.01 9.50 -30.28
C GLU B 270 33.43 10.38 -31.37
N GLY B 271 33.54 11.71 -31.24
CA GLY B 271 33.09 12.61 -32.28
C GLY B 271 31.61 12.90 -32.32
N ARG B 272 30.87 12.53 -31.27
CA ARG B 272 29.42 12.71 -31.24
C ARG B 272 29.04 13.50 -29.99
N GLU B 273 28.26 14.57 -30.19
CA GLU B 273 27.81 15.43 -29.09
C GLU B 273 26.41 14.99 -28.69
N LEU B 274 26.30 14.28 -27.57
CA LEU B 274 25.05 13.66 -27.17
C LEU B 274 24.21 14.60 -26.31
N GLN B 275 22.90 14.56 -26.54
CA GLN B 275 21.94 15.23 -25.67
C GLN B 275 21.71 14.39 -24.42
N MET B 276 21.52 15.07 -23.29
CA MET B 276 21.38 14.41 -22.00
C MET B 276 19.95 14.56 -21.48
N GLU B 277 19.47 13.53 -20.79
CA GLU B 277 18.15 13.53 -20.20
C GLU B 277 18.23 13.08 -18.75
N ILE B 278 17.39 13.67 -17.91
CA ILE B 278 17.25 13.30 -16.50
C ILE B 278 15.78 13.07 -16.21
N GLU B 279 15.51 12.17 -15.26
CA GLU B 279 14.13 11.82 -14.88
C GLU B 279 13.95 12.00 -13.38
N PRO B 280 13.94 13.23 -12.88
CA PRO B 280 13.63 13.44 -11.46
C PRO B 280 12.18 13.10 -11.16
N GLY B 281 11.98 12.36 -10.07
CA GLY B 281 10.64 12.12 -9.57
C GLY B 281 10.49 12.67 -8.17
N THR B 282 11.26 12.11 -7.24
CA THR B 282 11.26 12.62 -5.86
C THR B 282 11.71 14.08 -5.82
N TYR B 283 12.76 14.42 -6.57
CA TYR B 283 13.36 15.75 -6.46
C TYR B 283 12.39 16.86 -6.82
N LEU B 284 11.42 16.58 -7.69
CA LEU B 284 10.52 17.63 -8.17
C LEU B 284 9.34 17.88 -7.24
N VAL B 285 8.75 16.83 -6.67
CA VAL B 285 7.46 16.96 -6.01
C VAL B 285 7.48 16.63 -4.52
N ALA B 286 8.52 15.96 -4.00
CA ALA B 286 8.47 15.47 -2.63
C ALA B 286 8.24 16.59 -1.62
N MET B 287 9.10 17.61 -1.62
CA MET B 287 8.95 18.73 -0.70
C MET B 287 7.80 19.65 -1.08
N ALA B 288 7.26 19.53 -2.29
CA ALA B 288 6.17 20.40 -2.71
C ALA B 288 4.81 19.96 -2.19
N GLY B 289 4.72 18.83 -1.47
CA GLY B 289 3.44 18.37 -0.98
C GLY B 289 3.43 17.94 0.48
N ALA B 290 2.32 18.18 1.18
CA ALA B 290 2.20 17.78 2.57
C ALA B 290 0.84 17.15 2.83
N LEU B 291 0.80 16.24 3.80
CA LEU B 291 -0.43 15.63 4.28
C LEU B 291 -0.97 16.47 5.44
N VAL B 292 -2.18 17.00 5.28
CA VAL B 292 -2.82 17.82 6.30
C VAL B 292 -3.94 17.01 6.92
N SER B 293 -3.86 16.77 8.23
CA SER B 293 -4.83 15.93 8.93
C SER B 293 -5.12 16.55 10.29
N LYS B 294 -6.02 15.89 11.03
CA LYS B 294 -6.51 16.37 12.31
C LYS B 294 -6.23 15.33 13.39
N VAL B 295 -5.83 15.80 14.56
CA VAL B 295 -5.66 14.94 15.74
C VAL B 295 -7.04 14.71 16.33
N GLN B 296 -7.64 13.56 16.01
CA GLN B 296 -9.01 13.28 16.44
C GLN B 296 -9.09 12.44 17.72
N ASP B 297 -7.96 11.98 18.25
CA ASP B 297 -7.94 11.31 19.55
C ASP B 297 -6.52 11.34 20.10
N LYS B 298 -6.42 11.12 21.42
CA LYS B 298 -5.14 11.19 22.11
C LYS B 298 -5.24 10.32 23.36
N VAL B 299 -4.48 9.22 23.39
CA VAL B 299 -4.59 8.23 24.44
C VAL B 299 -3.22 8.02 25.09
N HIS B 300 -3.23 7.37 26.26
CA HIS B 300 -2.03 7.19 27.06
C HIS B 300 -1.89 5.73 27.48
N THR B 301 -0.67 5.40 27.93
CA THR B 301 -0.38 4.13 28.59
C THR B 301 0.56 4.39 29.76
N THR B 302 0.70 3.40 30.63
CA THR B 302 1.54 3.52 31.81
C THR B 302 2.44 2.30 31.93
N GLY B 303 3.58 2.49 32.57
CA GLY B 303 4.51 1.42 32.84
C GLY B 303 5.72 1.42 31.92
N GLU B 304 6.36 0.26 31.86
CA GLU B 304 7.56 0.10 31.04
C GLU B 304 7.21 0.25 29.56
N ASN B 305 7.95 1.12 28.88
CA ASN B 305 7.73 1.41 27.46
C ASN B 305 6.30 1.90 27.19
N SER B 306 5.81 2.76 28.08
CA SER B 306 4.54 3.41 27.86
C SER B 306 4.72 4.64 26.97
N HIS B 307 3.62 5.08 26.35
CA HIS B 307 3.69 6.15 25.38
C HIS B 307 2.44 7.00 25.45
N THR B 308 2.54 8.19 24.87
CA THR B 308 1.39 9.04 24.55
C THR B 308 1.17 8.96 23.05
N PHE B 309 -0.08 8.69 22.66
CA PHE B 309 -0.42 8.47 21.26
C PHE B 309 -1.29 9.60 20.73
N LEU B 310 -1.01 10.01 19.50
CA LEU B 310 -1.88 10.90 18.74
C LEU B 310 -2.51 10.08 17.61
N LYS B 311 -3.84 10.03 17.58
CA LYS B 311 -4.57 9.32 16.55
C LYS B 311 -4.98 10.32 15.47
N LEU B 312 -4.42 10.17 14.27
CA LEU B 312 -4.80 11.03 13.17
C LEU B 312 -6.07 10.49 12.50
N ASP B 313 -6.72 11.37 11.73
CA ASP B 313 -7.79 10.93 10.85
C ASP B 313 -7.28 10.56 9.46
N ALA B 314 -5.97 10.35 9.33
CA ALA B 314 -5.37 9.77 8.14
C ALA B 314 -4.50 8.59 8.56
N GLY B 315 -3.76 8.00 7.62
CA GLY B 315 -2.89 6.89 7.98
C GLY B 315 -2.14 6.30 6.81
N MET B 316 -1.95 4.98 6.81
CA MET B 316 -1.32 4.31 5.67
C MET B 316 -2.18 4.41 4.42
N THR B 317 -3.48 4.67 4.57
CA THR B 317 -4.34 4.93 3.43
C THR B 317 -3.92 6.18 2.65
N ASP B 318 -3.16 7.05 3.29
CA ASP B 318 -2.78 8.34 2.70
C ASP B 318 -1.28 8.51 2.56
N VAL B 319 -0.49 8.08 3.55
CA VAL B 319 0.97 8.12 3.48
C VAL B 319 1.48 6.76 3.92
N LEU B 320 2.03 5.99 2.96
CA LEU B 320 2.47 4.62 3.22
C LEU B 320 3.95 4.50 3.51
N ARG B 321 4.76 5.46 3.08
CA ARG B 321 6.21 5.36 3.24
C ARG B 321 6.67 5.05 4.67
N PRO B 322 6.04 5.57 5.73
CA PRO B 322 6.45 5.11 7.07
C PRO B 322 6.31 3.62 7.28
N SER B 323 5.18 3.03 6.91
CA SER B 323 5.00 1.59 7.09
C SER B 323 5.81 0.79 6.07
N LEU B 324 5.96 1.30 4.86
CA LEU B 324 6.59 0.52 3.80
C LEU B 324 8.11 0.49 3.94
N TYR B 325 8.72 1.62 4.33
CA TYR B 325 10.17 1.71 4.41
C TYR B 325 10.71 2.04 5.80
N GLY B 326 9.84 2.30 6.77
CA GLY B 326 10.33 2.91 8.00
C GLY B 326 10.86 4.30 7.77
N ALA B 327 10.33 4.99 6.76
CA ALA B 327 10.83 6.31 6.40
C ALA B 327 10.27 7.36 7.34
N VAL B 328 11.14 8.24 7.82
CA VAL B 328 10.75 9.34 8.70
C VAL B 328 10.33 10.51 7.83
N HIS B 329 9.23 11.16 8.22
CA HIS B 329 8.76 12.37 7.57
C HIS B 329 8.74 13.53 8.55
N PRO B 330 9.14 14.73 8.13
CA PRO B 330 9.08 15.88 9.03
C PRO B 330 7.64 16.22 9.41
N ILE B 331 7.41 16.36 10.71
CA ILE B 331 6.06 16.56 11.25
C ILE B 331 6.03 17.84 12.06
N THR B 332 4.93 18.60 11.93
CA THR B 332 4.71 19.78 12.72
C THR B 332 3.23 19.87 13.07
N ILE B 333 2.95 20.38 14.27
CA ILE B 333 1.59 20.49 14.79
C ILE B 333 1.21 21.97 14.87
N LEU B 334 0.06 22.30 14.31
CA LEU B 334 -0.48 23.65 14.34
C LEU B 334 -1.78 23.69 15.13
N PRO B 335 -2.08 24.81 15.79
CA PRO B 335 -3.34 24.91 16.53
C PRO B 335 -4.54 24.81 15.61
N GLY B 336 -5.56 24.06 16.05
CA GLY B 336 -6.75 23.83 15.24
C GLY B 336 -7.58 25.06 14.98
N SER B 337 -7.39 26.12 15.77
CA SER B 337 -8.12 27.36 15.54
C SER B 337 -7.71 28.01 14.22
N GLY B 338 -6.49 27.76 13.75
CA GLY B 338 -5.99 28.40 12.56
C GLY B 338 -5.40 29.78 12.77
N ASN B 339 -5.22 30.20 14.02
CA ASN B 339 -4.64 31.50 14.34
C ASN B 339 -3.23 31.30 14.87
N SER B 340 -2.24 31.90 14.19
CA SER B 340 -0.85 31.74 14.61
C SER B 340 -0.58 32.24 16.02
N ALA B 341 -1.47 33.09 16.57
CA ALA B 341 -1.33 33.51 17.95
C ALA B 341 -1.55 32.39 18.94
N ASP B 342 -1.97 31.21 18.48
CA ASP B 342 -2.29 30.08 19.35
C ASP B 342 -1.24 28.98 19.32
N VAL B 343 -0.04 29.25 18.78
CA VAL B 343 0.97 28.20 18.68
C VAL B 343 1.54 27.87 20.05
N GLY B 344 1.91 28.90 20.81
CA GLY B 344 2.34 28.70 22.18
C GLY B 344 3.77 28.18 22.29
N ASP B 345 4.07 27.62 23.49
CA ASP B 345 5.41 27.16 23.82
C ASP B 345 5.43 25.75 24.40
N GLU B 346 4.31 25.05 24.43
CA GLU B 346 4.24 23.75 25.09
C GLU B 346 4.54 22.61 24.13
N THR B 347 5.33 21.64 24.61
CA THR B 347 5.80 20.53 23.80
C THR B 347 5.48 19.20 24.49
N GLU B 348 5.53 18.13 23.70
CA GLU B 348 5.26 16.79 24.22
C GLU B 348 5.77 15.71 23.26
N SER B 349 6.57 14.76 23.77
CA SER B 349 7.02 13.64 22.96
C SER B 349 5.88 12.65 22.78
N VAL B 350 5.51 12.36 21.54
CA VAL B 350 4.36 11.53 21.24
C VAL B 350 4.70 10.54 20.13
N VAL B 351 3.99 9.43 20.14
CA VAL B 351 3.90 8.54 18.99
C VAL B 351 2.66 8.92 18.21
N VAL B 352 2.75 8.93 16.88
CA VAL B 352 1.63 9.26 16.00
C VAL B 352 1.23 8.01 15.25
N VAL B 353 -0.06 7.66 15.30
CA VAL B 353 -0.60 6.48 14.65
C VAL B 353 -1.76 6.88 13.77
N GLY B 354 -2.00 6.08 12.73
CA GLY B 354 -3.06 6.36 11.78
C GLY B 354 -4.42 5.86 12.26
N HIS B 355 -5.41 6.06 11.39
CA HIS B 355 -6.80 5.71 11.70
C HIS B 355 -7.19 4.32 11.24
N CYS B 356 -6.24 3.55 10.70
CA CYS B 356 -6.54 2.20 10.24
C CYS B 356 -6.45 1.22 11.40
N CYS B 357 -7.39 0.28 11.46
CA CYS B 357 -7.36 -0.79 12.46
C CYS B 357 -6.27 -1.77 12.02
N GLU B 358 -5.05 -1.46 12.41
CA GLU B 358 -3.86 -2.14 11.90
C GLU B 358 -2.70 -1.83 12.83
N SER B 359 -2.05 -2.88 13.35
CA SER B 359 -0.96 -2.68 14.29
C SER B 359 0.22 -1.97 13.64
N GLY B 360 0.36 -2.05 12.33
CA GLY B 360 1.45 -1.42 11.61
C GLY B 360 1.17 -0.05 11.06
N ASP B 361 0.05 0.58 11.43
CA ASP B 361 -0.24 1.92 10.94
C ASP B 361 0.48 2.97 11.77
N LEU B 362 1.80 2.83 11.89
CA LEU B 362 2.63 3.79 12.58
C LEU B 362 2.99 4.94 11.65
N MET B 363 2.90 6.17 12.16
CA MET B 363 3.35 7.34 11.40
C MET B 363 4.65 7.92 11.94
N THR B 364 5.15 7.43 13.07
CA THR B 364 6.46 7.82 13.60
C THR B 364 7.21 6.55 13.96
N PRO B 365 7.80 5.89 12.97
CA PRO B 365 8.56 4.66 13.25
C PRO B 365 10.04 4.93 13.50
N ALA B 366 10.78 3.88 13.84
CA ALA B 366 12.23 4.00 13.90
C ALA B 366 12.79 4.02 12.48
N PRO B 367 13.87 4.78 12.25
CA PRO B 367 14.42 4.89 10.89
C PRO B 367 14.80 3.55 10.28
N GLY B 368 14.01 3.09 9.32
CA GLY B 368 14.26 1.83 8.64
C GLY B 368 13.72 0.60 9.33
N GLU B 369 13.00 0.75 10.44
CA GLU B 369 12.40 -0.37 11.16
C GLU B 369 10.93 -0.04 11.39
N PRO B 370 10.07 -0.38 10.42
CA PRO B 370 8.67 0.08 10.49
C PRO B 370 7.86 -0.53 11.63
N GLU B 371 8.36 -1.57 12.30
CA GLU B 371 7.61 -2.20 13.38
C GLU B 371 7.97 -1.65 14.75
N GLN B 372 8.98 -0.79 14.85
CA GLN B 372 9.42 -0.25 16.12
C GLN B 372 8.93 1.19 16.29
N LEU B 373 8.57 1.54 17.51
CA LEU B 373 8.06 2.87 17.83
C LEU B 373 9.22 3.83 18.13
N ALA B 374 9.04 5.08 17.74
CA ALA B 374 10.04 6.12 17.98
C ALA B 374 9.32 7.46 18.06
N GLU B 375 9.34 8.08 19.23
CA GLU B 375 8.57 9.29 19.46
C GLU B 375 9.22 10.49 18.78
N GLN B 376 8.41 11.52 18.53
CA GLN B 376 8.87 12.80 18.03
C GLN B 376 8.46 13.89 19.02
N GLU B 377 9.35 14.84 19.27
CA GLU B 377 9.04 15.99 20.11
C GLU B 377 8.38 17.05 19.24
N LEU B 378 7.10 17.29 19.48
CA LEU B 378 6.32 18.26 18.72
C LEU B 378 5.64 19.23 19.68
N ARG B 379 4.86 20.14 19.12
CA ARG B 379 4.02 21.01 19.93
C ARG B 379 2.95 20.18 20.63
N ALA B 380 2.68 20.52 21.90
CA ALA B 380 1.65 19.81 22.65
C ALA B 380 0.33 19.90 21.91
N ALA B 381 -0.31 18.76 21.69
CA ALA B 381 -1.47 18.64 20.82
C ALA B 381 -2.73 18.40 21.64
N ALA B 382 -3.74 19.22 21.40
CA ALA B 382 -5.09 18.97 21.88
C ALA B 382 -5.92 18.39 20.73
N VAL B 383 -6.95 17.61 21.09
CA VAL B 383 -7.80 17.01 20.07
C VAL B 383 -8.45 18.12 19.25
N GLY B 384 -8.38 17.99 17.94
CA GLY B 384 -8.83 19.02 17.03
C GLY B 384 -7.72 19.82 16.39
N ASP B 385 -6.49 19.71 16.91
CA ASP B 385 -5.36 20.39 16.30
C ASP B 385 -5.01 19.73 14.96
N ILE B 386 -4.14 20.41 14.22
CA ILE B 386 -3.75 20.00 12.87
C ILE B 386 -2.33 19.45 12.92
N LEU B 387 -2.13 18.27 12.34
CA LEU B 387 -0.81 17.70 12.14
C LEU B 387 -0.50 17.75 10.64
N VAL B 388 0.61 18.40 10.29
CA VAL B 388 1.06 18.53 8.91
C VAL B 388 2.29 17.65 8.74
N MET B 389 2.24 16.73 7.78
CA MET B 389 3.35 15.83 7.48
C MET B 389 3.95 16.24 6.15
N ASP B 390 5.10 16.90 6.21
CA ASP B 390 5.77 17.44 5.04
C ASP B 390 6.56 16.35 4.32
N GLY B 391 7.05 16.70 3.14
CA GLY B 391 7.75 15.74 2.30
C GLY B 391 6.87 14.60 1.84
N SER B 392 5.62 14.91 1.47
CA SER B 392 4.66 13.88 1.09
C SER B 392 4.06 14.12 -0.30
N GLY B 393 4.76 14.84 -1.16
CA GLY B 393 4.31 15.01 -2.53
C GLY B 393 4.77 13.96 -3.49
N ALA B 394 5.57 13.00 -3.06
CA ALA B 394 6.09 11.95 -3.92
C ALA B 394 5.78 10.59 -3.32
N TYR B 395 5.13 9.73 -4.11
CA TYR B 395 4.83 8.35 -3.74
C TYR B 395 3.98 8.27 -2.48
N CYS B 396 3.11 9.25 -2.30
CA CYS B 396 2.10 9.22 -1.26
C CYS B 396 0.70 9.18 -1.89
N SER B 397 0.22 10.30 -2.42
CA SER B 397 -1.07 10.27 -3.12
C SER B 397 -1.03 9.39 -4.36
N GLY B 398 0.16 9.18 -4.93
CA GLY B 398 0.32 8.29 -6.05
C GLY B 398 0.70 6.87 -5.68
N MET B 399 0.74 6.56 -4.39
CA MET B 399 1.18 5.23 -3.93
C MET B 399 0.75 5.10 -2.45
N SER B 400 -0.47 4.61 -2.24
CA SER B 400 -1.00 4.44 -0.90
C SER B 400 -2.00 3.29 -0.91
N THR B 401 -2.37 2.84 0.27
CA THR B 401 -3.38 1.80 0.44
C THR B 401 -4.76 2.41 0.62
N LYS B 402 -5.14 3.30 -0.29
CA LYS B 402 -6.42 3.98 -0.19
C LYS B 402 -7.56 2.97 -0.23
N ASN B 403 -8.69 3.35 0.35
CA ASN B 403 -9.89 2.54 0.47
C ASN B 403 -9.69 1.34 1.40
N TYR B 404 -8.57 1.29 2.12
CA TYR B 404 -8.46 0.37 3.24
C TYR B 404 -9.35 0.85 4.37
N ASN B 405 -10.09 -0.08 4.98
CA ASN B 405 -11.18 0.22 5.90
C ASN B 405 -12.23 1.11 5.25
N SER B 406 -12.29 1.09 3.92
CA SER B 406 -13.30 1.81 3.13
C SER B 406 -13.19 3.33 3.32
N PHE B 407 -12.01 3.82 3.68
CA PHE B 407 -11.82 5.26 3.78
C PHE B 407 -11.70 5.86 2.39
N PRO B 408 -12.44 6.93 2.09
CA PRO B 408 -12.40 7.49 0.74
C PRO B 408 -11.07 8.15 0.44
N GLU B 409 -10.71 8.15 -0.84
CA GLU B 409 -9.48 8.78 -1.29
C GLU B 409 -9.49 10.27 -0.93
N ALA B 410 -8.41 10.73 -0.31
CA ALA B 410 -8.36 12.08 0.23
C ALA B 410 -8.27 13.10 -0.90
N PRO B 411 -8.78 14.30 -0.69
CA PRO B 411 -8.69 15.36 -1.71
C PRO B 411 -7.30 15.98 -1.77
N GLU B 412 -7.05 16.66 -2.89
CA GLU B 412 -5.79 17.35 -3.12
C GLU B 412 -6.06 18.83 -3.36
N VAL B 413 -5.25 19.69 -2.75
CA VAL B 413 -5.42 21.14 -2.83
C VAL B 413 -4.11 21.77 -3.28
N LEU B 414 -4.21 22.77 -4.14
CA LEU B 414 -3.06 23.51 -4.65
C LEU B 414 -3.04 24.90 -4.02
N VAL B 415 -1.87 25.30 -3.53
CA VAL B 415 -1.67 26.59 -2.88
C VAL B 415 -0.81 27.44 -3.81
N ASP B 416 -1.36 28.57 -4.26
CA ASP B 416 -0.68 29.40 -5.26
C ASP B 416 0.28 30.38 -4.60
N LYS B 417 0.92 31.20 -5.43
CA LYS B 417 1.93 32.14 -4.94
C LYS B 417 1.34 33.16 -3.97
N ALA B 418 0.04 33.43 -4.09
CA ALA B 418 -0.62 34.40 -3.21
C ALA B 418 -1.24 33.77 -1.97
N GLY B 419 -1.03 32.47 -1.76
CA GLY B 419 -1.58 31.81 -0.60
C GLY B 419 -3.01 31.34 -0.73
N LYS B 420 -3.60 31.44 -1.91
CA LYS B 420 -4.96 30.96 -2.13
C LYS B 420 -4.95 29.46 -2.39
N ALA B 421 -5.92 28.76 -1.81
CA ALA B 421 -6.06 27.32 -1.95
C ALA B 421 -7.05 27.01 -3.07
N HIS B 422 -6.69 26.04 -3.92
CA HIS B 422 -7.52 25.63 -5.04
C HIS B 422 -7.65 24.11 -5.04
N LEU B 423 -8.90 23.63 -5.12
CA LEU B 423 -9.16 22.20 -5.12
C LEU B 423 -8.80 21.61 -6.47
N ILE B 424 -7.88 20.64 -6.50
CA ILE B 424 -7.52 19.94 -7.72
C ILE B 424 -8.02 18.50 -7.74
N ARG B 425 -8.65 18.03 -6.67
CA ARG B 425 -9.26 16.70 -6.66
C ARG B 425 -10.23 16.64 -5.50
N LYS B 426 -11.53 16.51 -5.78
CA LYS B 426 -12.51 16.45 -4.71
C LYS B 426 -12.44 15.12 -3.99
N ARG B 427 -12.93 15.12 -2.75
CA ARG B 427 -12.93 13.89 -1.96
C ARG B 427 -13.81 12.84 -2.63
N GLN B 428 -13.31 11.62 -2.67
CA GLN B 428 -14.08 10.50 -3.17
C GLN B 428 -15.26 10.22 -2.25
N THR B 429 -16.34 9.68 -2.82
CA THR B 429 -17.50 9.30 -2.03
C THR B 429 -17.45 7.82 -1.72
N LEU B 430 -18.18 7.44 -0.67
CA LEU B 430 -18.25 6.03 -0.29
C LEU B 430 -18.79 5.19 -1.44
N SER B 431 -19.76 5.73 -2.19
CA SER B 431 -20.37 4.97 -3.28
C SER B 431 -19.36 4.65 -4.37
N GLN B 432 -18.43 5.57 -4.64
CA GLN B 432 -17.47 5.36 -5.71
C GLN B 432 -16.46 4.27 -5.40
N ILE B 433 -16.26 3.96 -4.12
CA ILE B 433 -15.28 2.93 -3.75
C ILE B 433 -15.69 1.56 -4.30
N TYR B 434 -16.99 1.32 -4.47
CA TYR B 434 -17.46 0.05 -5.00
C TYR B 434 -18.47 0.25 -6.12
N GLU B 435 -18.30 1.31 -6.92
CA GLU B 435 -19.18 1.55 -8.06
C GLU B 435 -19.02 0.53 -9.16
N ASN B 436 -17.95 -0.27 -9.15
CA ASN B 436 -17.68 -1.25 -10.19
C ASN B 436 -18.03 -2.66 -9.79
N GLU B 437 -18.69 -2.82 -8.64
CA GLU B 437 -19.07 -4.17 -8.14
C GLU B 437 -20.34 -4.67 -8.82
N ILE B 438 -20.38 -5.95 -9.17
CA ILE B 438 -21.56 -6.56 -9.85
C ILE B 438 -22.15 -7.61 -8.91
N SER B 439 -23.48 -7.65 -8.81
CA SER B 439 -24.20 -8.59 -7.93
C SER B 439 -24.28 -9.99 -8.54
N VAL B 440 -24.49 -11.01 -7.70
CA VAL B 440 -24.56 -12.43 -8.13
C VAL B 440 -23.29 -12.80 -8.90
#